data_2PWG
#
_entry.id   2PWG
#
_cell.length_a   64.240
_cell.length_b   85.960
_cell.length_c   123.520
_cell.angle_alpha   90.00
_cell.angle_beta   99.20
_cell.angle_gamma   90.00
#
_symmetry.space_group_name_H-M   'P 1 21 1'
#
loop_
_entity.id
_entity.type
_entity.pdbx_description
1 polymer 'Sucrose isomerase'
2 non-polymer 'CALCIUM ION'
3 non-polymer CASTANOSPERMINE
4 water water
#
_entity_poly.entity_id   1
_entity_poly.type   'polypeptide(L)'
_entity_poly.pdbx_seq_one_letter_code
;PGAPWWKSAVFYQVYPRSFKDTNGDGIGDFKGLTEKLDYLKGLGIDAIWINPHYASPNTDNGYDISDYREVMKEYGTMED
FDRLMAELKKRGMRLMVDVVINHSSDQHEWFKSSRASKDNPYRDYYFWRDGKDGHEPNNYPSFFGGSAWEKDPVTGQYYL
HYFGRQQPDLNWDTPKLREELYAMLRFWLDKGVSGMRFDTVATYSKTPGFPDLTPEQMKNFAEAYTQGPNLHRYLQEMHE
KVFDHYDAVTAGEIFGAPLNQVPLFIDSRRKELDMAFTFDLIRYDRALDRWHTIPRTLADFRQTIDKVDAIAGEYGWNTF
FLGNHDNPRAVSHFGDDRPQWREASAKALATVTLTQRGTPFIFQGDELGMTNYPFKTLQDFDDIEVKGFFQDYVETGKAT
AEELLTNVALTSRDNARTPFQWDDSANAGFTTGKPWLKVNPNYTEINAAREIGDPKSVYSFYRNLISIRHETPALSTGSY
RDIDPSNADVYAYTRSQDGETYLVVVNFKAEPRSFTLPDGMHIAETLIESSSPAAPAAGAASLELQPWQSGIYKVK
;
_entity_poly.pdbx_strand_id   A,B
#
# COMPACT_ATOMS: atom_id res chain seq x y z
N PRO A 1 55.73 6.23 32.20
CA PRO A 1 54.39 6.88 32.33
C PRO A 1 53.48 6.23 33.38
N GLY A 2 52.21 6.11 33.01
CA GLY A 2 51.18 5.52 33.85
C GLY A 2 49.98 5.20 32.95
N ALA A 3 49.32 4.07 33.20
CA ALA A 3 48.18 3.68 32.38
C ALA A 3 46.86 4.32 32.81
N PRO A 4 45.95 4.54 31.86
CA PRO A 4 44.65 5.14 32.08
C PRO A 4 43.88 4.38 33.14
N TRP A 5 43.03 5.08 33.86
CA TRP A 5 42.23 4.47 34.90
C TRP A 5 41.36 3.34 34.39
N TRP A 6 40.84 3.48 33.17
CA TRP A 6 39.98 2.45 32.62
C TRP A 6 40.70 1.12 32.40
N LYS A 7 42.02 1.14 32.23
CA LYS A 7 42.71 -0.13 32.03
C LYS A 7 42.76 -0.99 33.30
N SER A 8 42.62 -0.38 34.47
CA SER A 8 42.67 -1.17 35.69
C SER A 8 41.36 -1.14 36.44
N ALA A 9 40.32 -0.61 35.78
CA ALA A 9 39.01 -0.55 36.39
C ALA A 9 38.22 -1.85 36.23
N VAL A 10 37.24 -2.06 37.10
CA VAL A 10 36.36 -3.21 37.02
C VAL A 10 35.00 -2.60 36.76
N PHE A 11 34.37 -2.94 35.64
CA PHE A 11 33.05 -2.42 35.32
C PHE A 11 31.94 -3.39 35.63
N TYR A 12 30.74 -2.84 35.75
CA TYR A 12 29.56 -3.62 36.02
C TYR A 12 28.49 -3.10 35.07
N GLN A 13 27.85 -4.01 34.35
CA GLN A 13 26.83 -3.58 33.40
C GLN A 13 25.44 -3.64 33.99
N VAL A 14 24.76 -2.52 33.92
CA VAL A 14 23.40 -2.43 34.43
C VAL A 14 22.41 -2.23 33.29
N TYR A 15 21.49 -3.19 33.18
CA TYR A 15 20.42 -3.20 32.21
C TYR A 15 19.32 -2.63 33.10
N PRO A 16 19.15 -1.28 33.13
CA PRO A 16 18.15 -0.62 33.99
C PRO A 16 16.76 -1.25 33.99
N ARG A 17 16.27 -1.58 32.80
CA ARG A 17 14.97 -2.15 32.67
C ARG A 17 14.74 -3.34 33.59
N SER A 18 15.81 -4.08 33.89
CA SER A 18 15.65 -5.28 34.72
C SER A 18 16.47 -5.29 35.99
N PHE A 19 16.88 -4.12 36.46
CA PHE A 19 17.70 -4.09 37.66
C PHE A 19 16.88 -3.85 38.93
N LYS A 20 16.18 -2.72 39.03
CA LYS A 20 15.40 -2.46 40.24
C LYS A 20 14.24 -1.51 39.97
N ASP A 21 13.02 -2.01 40.21
CA ASP A 21 11.80 -1.23 40.04
C ASP A 21 11.49 -0.60 41.39
N THR A 22 11.21 0.70 41.40
CA THR A 22 10.91 1.40 42.64
C THR A 22 9.51 1.97 42.70
N ASN A 23 8.73 1.83 41.64
CA ASN A 23 7.38 2.39 41.61
C ASN A 23 6.28 1.38 41.17
N GLY A 24 6.60 0.09 41.18
CA GLY A 24 5.64 -0.95 40.85
C GLY A 24 5.08 -1.14 39.45
N ASP A 25 5.60 -0.43 38.46
CA ASP A 25 5.10 -0.63 37.11
C ASP A 25 5.71 -1.87 36.46
N GLY A 26 6.63 -2.52 37.17
CA GLY A 26 7.24 -3.72 36.62
C GLY A 26 8.53 -3.49 35.86
N ILE A 27 8.93 -2.23 35.69
CA ILE A 27 10.17 -1.91 34.96
C ILE A 27 11.24 -1.27 35.86
N GLY A 28 12.49 -1.68 35.70
CA GLY A 28 13.54 -1.10 36.51
C GLY A 28 13.66 0.38 36.19
N ASP A 29 14.21 1.15 37.12
CA ASP A 29 14.33 2.58 36.89
C ASP A 29 15.57 3.18 37.57
N PHE A 30 15.80 4.47 37.32
CA PHE A 30 16.94 5.17 37.90
C PHE A 30 16.97 5.16 39.42
N LYS A 31 15.83 5.43 40.05
CA LYS A 31 15.80 5.42 41.51
C LYS A 31 16.21 4.04 42.02
N GLY A 32 15.81 3.00 41.30
CA GLY A 32 16.19 1.67 41.72
C GLY A 32 17.71 1.49 41.69
N LEU A 33 18.33 1.96 40.62
CA LEU A 33 19.77 1.86 40.51
C LEU A 33 20.46 2.73 41.57
N THR A 34 20.01 3.98 41.68
CA THR A 34 20.62 4.89 42.67
C THR A 34 20.59 4.25 44.06
N GLU A 35 19.46 3.64 44.40
CA GLU A 35 19.24 2.94 45.67
C GLU A 35 20.25 1.85 45.94
N LYS A 36 20.75 1.26 44.87
CA LYS A 36 21.68 0.14 44.99
C LYS A 36 23.16 0.47 44.80
N LEU A 37 23.53 1.74 44.76
CA LEU A 37 24.93 2.07 44.54
C LEU A 37 25.85 1.52 45.63
N ASP A 38 25.38 1.53 46.88
CA ASP A 38 26.18 1.00 47.98
C ASP A 38 26.45 -0.50 47.77
N TYR A 39 25.46 -1.17 47.19
CA TYR A 39 25.61 -2.60 46.92
C TYR A 39 26.76 -2.78 45.92
N LEU A 40 26.71 -2.05 44.81
CA LEU A 40 27.76 -2.15 43.77
C LEU A 40 29.13 -1.70 44.28
N LYS A 41 29.14 -0.65 45.09
CA LYS A 41 30.37 -0.13 45.66
C LYS A 41 30.93 -1.19 46.62
N GLY A 42 30.02 -1.86 47.35
CA GLY A 42 30.43 -2.89 48.29
C GLY A 42 31.06 -4.07 47.55
N LEU A 43 30.56 -4.36 46.35
CA LEU A 43 31.09 -5.44 45.54
C LEU A 43 32.50 -5.06 45.08
N GLY A 44 32.75 -3.76 44.90
CA GLY A 44 34.06 -3.28 44.48
C GLY A 44 34.08 -2.65 43.09
N ILE A 45 32.90 -2.38 42.55
CA ILE A 45 32.80 -1.80 41.21
C ILE A 45 33.34 -0.37 41.12
N ASP A 46 34.21 -0.14 40.15
CA ASP A 46 34.80 1.18 39.91
C ASP A 46 33.93 2.00 38.96
N ALA A 47 33.25 1.31 38.04
CA ALA A 47 32.44 2.01 37.07
C ALA A 47 31.28 1.20 36.53
N ILE A 48 30.28 1.90 36.03
CA ILE A 48 29.11 1.25 35.51
C ILE A 48 28.77 1.63 34.10
N TRP A 49 28.41 0.63 33.30
CA TRP A 49 27.95 0.91 31.95
C TRP A 49 26.45 0.62 32.00
N ILE A 50 25.63 1.62 31.71
CA ILE A 50 24.20 1.43 31.69
C ILE A 50 23.72 1.38 30.25
N ASN A 51 22.76 0.50 29.97
CA ASN A 51 22.25 0.42 28.63
C ASN A 51 21.46 1.69 28.31
N PRO A 52 21.07 1.89 27.03
CA PRO A 52 20.33 3.09 26.63
C PRO A 52 19.29 3.55 27.66
N HIS A 53 19.38 4.83 28.00
CA HIS A 53 18.49 5.45 28.98
C HIS A 53 17.77 6.65 28.42
N TYR A 54 17.69 6.74 27.10
CA TYR A 54 17.05 7.88 26.45
C TYR A 54 15.61 7.60 26.06
N ALA A 55 14.85 8.65 25.74
CA ALA A 55 13.45 8.51 25.31
C ALA A 55 13.37 7.45 24.20
N SER A 56 12.42 6.54 24.32
CA SER A 56 12.33 5.43 23.38
C SER A 56 11.00 4.70 23.40
N PRO A 57 10.50 4.30 22.22
CA PRO A 57 9.23 3.56 22.19
C PRO A 57 9.46 2.15 22.72
N ASN A 58 10.73 1.76 22.82
CA ASN A 58 11.12 0.44 23.33
C ASN A 58 10.79 -0.78 22.47
N THR A 59 10.78 -0.60 21.16
CA THR A 59 10.57 -1.75 20.29
C THR A 59 11.82 -2.61 20.44
N ASP A 60 12.92 -1.97 20.86
CA ASP A 60 14.20 -2.67 21.08
C ASP A 60 14.84 -2.28 22.44
N ASN A 61 13.98 -2.15 23.44
CA ASN A 61 14.35 -1.80 24.80
C ASN A 61 15.47 -0.78 24.93
N GLY A 62 15.22 0.42 24.39
CA GLY A 62 16.19 1.49 24.48
C GLY A 62 16.99 1.78 23.22
N TYR A 63 17.27 0.75 22.43
CA TYR A 63 18.07 0.94 21.23
C TYR A 63 17.35 1.61 20.06
N ASP A 64 16.11 2.02 20.29
CA ASP A 64 15.31 2.76 19.30
C ASP A 64 14.95 4.09 19.98
N ILE A 65 15.85 5.05 19.86
CA ILE A 65 15.71 6.35 20.51
C ILE A 65 14.93 7.42 19.77
N SER A 66 13.93 7.99 20.45
CA SER A 66 13.09 9.02 19.85
C SER A 66 13.54 10.43 20.21
N ASP A 67 14.35 10.56 21.26
CA ASP A 67 14.90 11.88 21.65
C ASP A 67 16.18 11.61 22.40
N TYR A 68 17.30 12.08 21.85
CA TYR A 68 18.61 11.88 22.47
C TYR A 68 18.91 12.79 23.67
N ARG A 69 18.07 13.79 23.91
CA ARG A 69 18.30 14.68 25.02
C ARG A 69 17.29 14.58 26.16
N GLU A 70 16.45 13.56 26.11
CA GLU A 70 15.46 13.35 27.16
C GLU A 70 15.62 11.92 27.65
N VAL A 71 15.49 11.74 28.95
N VAL A 71 15.50 11.73 28.95
CA VAL A 71 15.61 10.41 29.56
CA VAL A 71 15.63 10.40 29.53
C VAL A 71 14.40 9.55 29.24
C VAL A 71 14.41 9.55 29.18
N MET A 72 14.58 8.23 29.25
CA MET A 72 13.48 7.33 28.96
C MET A 72 12.44 7.49 30.06
N LYS A 73 11.20 7.74 29.65
CA LYS A 73 10.10 7.94 30.57
C LYS A 73 10.02 6.84 31.64
N GLU A 74 10.24 5.59 31.24
CA GLU A 74 10.19 4.49 32.18
C GLU A 74 11.30 4.56 33.24
N TYR A 75 12.43 5.17 32.90
CA TYR A 75 13.49 5.19 33.89
C TYR A 75 13.42 6.34 34.90
N GLY A 76 12.66 7.38 34.55
CA GLY A 76 12.51 8.52 35.46
C GLY A 76 12.59 9.86 34.77
N THR A 77 13.21 10.82 35.45
CA THR A 77 13.38 12.17 34.89
C THR A 77 14.86 12.53 34.75
N MET A 78 15.13 13.63 34.08
CA MET A 78 16.51 14.11 33.89
C MET A 78 17.05 14.37 35.31
N GLU A 79 16.15 14.78 36.18
CA GLU A 79 16.50 15.08 37.56
C GLU A 79 16.98 13.80 38.24
N ASP A 80 16.29 12.69 37.98
CA ASP A 80 16.68 11.42 38.56
C ASP A 80 18.06 11.03 37.99
N PHE A 81 18.25 11.27 36.69
CA PHE A 81 19.53 10.94 36.07
C PHE A 81 20.66 11.71 36.73
N ASP A 82 20.43 13.01 36.92
CA ASP A 82 21.41 13.87 37.55
C ASP A 82 21.76 13.38 38.96
N ARG A 83 20.74 12.97 39.71
CA ARG A 83 20.92 12.46 41.07
C ARG A 83 21.76 11.20 41.01
N LEU A 84 21.46 10.34 40.06
CA LEU A 84 22.25 9.12 39.92
C LEU A 84 23.70 9.54 39.74
N MET A 85 23.94 10.48 38.82
CA MET A 85 25.31 11.00 38.56
C MET A 85 25.96 11.47 39.85
N ALA A 86 25.27 12.32 40.60
CA ALA A 86 25.80 12.84 41.86
C ALA A 86 26.11 11.77 42.90
N GLU A 87 25.19 10.82 43.08
CA GLU A 87 25.41 9.77 44.05
C GLU A 87 26.60 8.90 43.66
N LEU A 88 26.83 8.74 42.36
CA LEU A 88 27.95 7.95 41.86
C LEU A 88 29.25 8.65 42.21
N LYS A 89 29.27 9.95 42.00
CA LYS A 89 30.45 10.77 42.26
C LYS A 89 30.77 10.76 43.74
N LYS A 90 29.74 10.82 44.57
CA LYS A 90 29.92 10.82 46.01
C LYS A 90 30.72 9.59 46.42
N ARG A 91 30.50 8.50 45.69
CA ARG A 91 31.19 7.24 45.97
C ARG A 91 32.42 7.06 45.10
N GLY A 92 32.83 8.14 44.43
CA GLY A 92 33.99 8.09 43.56
C GLY A 92 33.81 7.08 42.43
N MET A 93 32.58 6.89 41.94
CA MET A 93 32.35 5.92 40.87
C MET A 93 32.12 6.64 39.56
N ARG A 94 32.36 5.95 38.46
CA ARG A 94 32.20 6.55 37.14
C ARG A 94 31.06 5.95 36.32
N LEU A 95 30.50 6.75 35.42
N LEU A 95 30.50 6.75 35.42
CA LEU A 95 29.39 6.29 34.59
CA LEU A 95 29.40 6.29 34.58
C LEU A 95 29.71 6.27 33.09
C LEU A 95 29.74 6.25 33.09
N MET A 96 29.36 5.15 32.46
CA MET A 96 29.55 4.97 31.01
C MET A 96 28.14 4.78 30.45
N VAL A 97 27.78 5.62 29.49
CA VAL A 97 26.46 5.48 28.88
C VAL A 97 26.58 4.85 27.49
N ASP A 98 25.47 4.30 27.00
CA ASP A 98 25.43 3.67 25.70
C ASP A 98 25.04 4.75 24.69
N VAL A 99 25.72 4.77 23.55
CA VAL A 99 25.43 5.74 22.50
C VAL A 99 24.94 4.98 21.26
N VAL A 100 23.70 5.22 20.85
CA VAL A 100 23.12 4.52 19.70
C VAL A 100 22.91 5.45 18.51
N ILE A 101 23.91 5.54 17.66
CA ILE A 101 23.84 6.45 16.53
C ILE A 101 24.06 5.87 15.14
N ASN A 102 23.80 4.58 15.00
CA ASN A 102 23.87 3.94 13.69
C ASN A 102 22.46 4.15 13.12
N HIS A 103 21.49 4.24 14.02
CA HIS A 103 20.07 4.39 13.69
C HIS A 103 19.36 5.07 14.86
N SER A 104 18.17 5.58 14.58
CA SER A 104 17.31 6.22 15.60
C SER A 104 15.95 5.54 15.52
N SER A 105 15.03 5.94 16.39
CA SER A 105 13.68 5.40 16.36
C SER A 105 12.97 6.08 15.18
N ASP A 106 11.94 5.43 14.63
CA ASP A 106 11.18 6.04 13.54
C ASP A 106 10.21 7.08 14.12
N GLN A 107 10.23 7.23 15.45
CA GLN A 107 9.41 8.21 16.15
C GLN A 107 10.24 9.46 16.49
N HIS A 108 11.49 9.48 16.05
CA HIS A 108 12.34 10.65 16.30
C HIS A 108 11.89 11.74 15.32
N GLU A 109 11.84 13.00 15.77
CA GLU A 109 11.43 14.12 14.91
C GLU A 109 12.21 14.15 13.60
N TRP A 110 13.51 13.82 13.63
CA TRP A 110 14.25 13.87 12.37
C TRP A 110 13.62 12.94 11.34
N PHE A 111 13.08 11.82 11.79
CA PHE A 111 12.51 10.87 10.86
C PHE A 111 11.13 11.26 10.38
N LYS A 112 10.31 11.74 11.30
CA LYS A 112 8.97 12.18 10.97
C LYS A 112 9.11 13.25 9.88
N SER A 113 10.04 14.19 10.09
CA SER A 113 10.30 15.25 9.14
C SER A 113 10.80 14.66 7.85
N SER A 114 11.85 13.85 7.97
CA SER A 114 12.47 13.22 6.83
C SER A 114 11.53 12.45 5.90
N ARG A 115 10.58 11.75 6.48
CA ARG A 115 9.65 10.94 5.71
C ARG A 115 8.47 11.68 5.08
N ALA A 116 8.17 12.88 5.59
CA ALA A 116 7.04 13.67 5.11
C ALA A 116 7.02 13.97 3.62
N SER A 117 8.19 14.21 3.03
CA SER A 117 8.28 14.54 1.62
C SER A 117 9.69 14.22 1.11
N LYS A 118 9.89 14.30 -0.20
CA LYS A 118 11.19 14.04 -0.77
C LYS A 118 12.09 15.26 -0.73
N ASP A 119 11.50 16.43 -0.50
CA ASP A 119 12.28 17.67 -0.51
C ASP A 119 12.48 18.43 0.79
N ASN A 120 12.32 17.81 1.94
CA ASN A 120 12.53 18.55 3.18
C ASN A 120 14.01 18.49 3.54
N PRO A 121 14.47 19.39 4.42
CA PRO A 121 15.88 19.43 4.85
C PRO A 121 16.39 18.26 5.70
N TYR A 122 15.54 17.29 6.00
CA TYR A 122 15.95 16.12 6.79
C TYR A 122 15.90 14.85 5.94
N ARG A 123 15.58 14.99 4.66
CA ARG A 123 15.48 13.83 3.79
C ARG A 123 16.72 12.98 3.88
N ASP A 124 17.89 13.62 3.76
CA ASP A 124 19.16 12.92 3.83
C ASP A 124 19.71 12.64 5.22
N TYR A 125 18.87 12.69 6.25
CA TYR A 125 19.34 12.34 7.59
C TYR A 125 19.19 10.81 7.67
N TYR A 126 18.56 10.22 6.65
CA TYR A 126 18.32 8.77 6.57
C TYR A 126 18.54 8.35 5.12
N PHE A 127 18.49 7.04 4.85
CA PHE A 127 18.67 6.54 3.49
C PHE A 127 17.37 6.19 2.76
N TRP A 128 17.02 7.01 1.76
CA TRP A 128 15.81 6.82 0.95
C TRP A 128 16.18 6.44 -0.47
N ARG A 129 15.66 5.30 -0.95
CA ARG A 129 15.97 4.86 -2.30
C ARG A 129 14.74 4.27 -2.99
N ASP A 130 14.76 4.28 -4.33
CA ASP A 130 13.67 3.72 -5.12
C ASP A 130 13.87 2.22 -5.12
N GLY A 131 12.78 1.48 -5.19
CA GLY A 131 12.89 0.05 -5.25
C GLY A 131 13.34 -0.29 -6.66
N LYS A 132 13.58 -1.57 -6.93
CA LYS A 132 14.01 -1.98 -8.26
C LYS A 132 13.29 -3.28 -8.63
N ASP A 133 12.93 -3.39 -9.90
CA ASP A 133 12.23 -4.57 -10.43
C ASP A 133 10.96 -4.84 -9.64
N GLY A 134 10.25 -3.79 -9.26
CA GLY A 134 9.04 -3.98 -8.47
C GLY A 134 9.32 -4.42 -7.04
N HIS A 135 10.61 -4.60 -6.72
CA HIS A 135 10.99 -5.04 -5.38
C HIS A 135 11.79 -3.96 -4.63
N GLU A 136 12.37 -4.32 -3.48
CA GLU A 136 13.18 -3.38 -2.69
C GLU A 136 14.37 -2.91 -3.48
N PRO A 137 15.15 -1.96 -2.92
CA PRO A 137 16.32 -1.47 -3.65
C PRO A 137 17.36 -2.55 -3.92
N ASN A 138 17.55 -3.46 -2.96
CA ASN A 138 18.50 -4.55 -3.15
C ASN A 138 18.17 -5.70 -2.22
N ASN A 139 19.05 -6.70 -2.12
CA ASN A 139 18.77 -7.88 -1.30
C ASN A 139 19.17 -7.85 0.18
N TYR A 140 19.41 -6.64 0.70
CA TYR A 140 19.78 -6.46 2.10
C TYR A 140 18.79 -7.04 3.10
N PRO A 141 19.23 -7.98 3.94
CA PRO A 141 18.30 -8.55 4.92
C PRO A 141 18.47 -7.79 6.25
N SER A 142 17.45 -7.81 7.09
CA SER A 142 17.53 -7.13 8.37
C SER A 142 17.78 -8.16 9.46
N PHE A 143 18.49 -7.76 10.51
CA PHE A 143 18.79 -8.63 11.64
C PHE A 143 17.52 -9.02 12.39
N PHE A 144 16.49 -8.19 12.28
CA PHE A 144 15.24 -8.47 13.00
C PHE A 144 14.07 -8.95 12.16
N GLY A 145 14.35 -9.50 10.99
CA GLY A 145 13.28 -10.04 10.17
C GLY A 145 13.09 -9.39 8.82
N GLY A 146 12.93 -10.21 7.79
CA GLY A 146 12.71 -9.69 6.47
C GLY A 146 13.78 -8.78 5.89
N SER A 147 13.35 -7.98 4.92
CA SER A 147 14.22 -7.03 4.23
C SER A 147 14.63 -5.86 5.12
N ALA A 148 15.79 -5.28 4.83
CA ALA A 148 16.27 -4.12 5.56
C ALA A 148 15.72 -2.84 4.92
N TRP A 149 14.84 -2.99 3.92
CA TRP A 149 14.24 -1.83 3.26
C TRP A 149 12.74 -1.82 3.51
N GLU A 150 12.22 -0.68 3.92
CA GLU A 150 10.79 -0.56 4.20
C GLU A 150 10.18 0.57 3.37
N LYS A 151 9.16 0.24 2.58
CA LYS A 151 8.49 1.22 1.71
C LYS A 151 7.58 2.16 2.50
N ASP A 152 7.58 3.44 2.12
CA ASP A 152 6.73 4.43 2.78
C ASP A 152 5.81 5.02 1.71
N PRO A 153 4.51 4.73 1.81
CA PRO A 153 3.48 5.21 0.88
C PRO A 153 3.53 6.74 0.62
N VAL A 154 3.92 7.52 1.64
CA VAL A 154 4.01 8.97 1.45
C VAL A 154 4.88 9.37 0.27
N THR A 155 6.00 8.69 0.04
CA THR A 155 6.88 9.06 -1.09
C THR A 155 7.09 7.97 -2.15
N GLY A 156 6.73 6.74 -1.83
CA GLY A 156 6.94 5.66 -2.79
C GLY A 156 8.35 5.10 -2.68
N GLN A 157 9.16 5.70 -1.82
CA GLN A 157 10.52 5.23 -1.63
C GLN A 157 10.66 4.36 -0.38
N TYR A 158 11.80 3.66 -0.30
CA TYR A 158 12.15 2.76 0.80
C TYR A 158 13.22 3.34 1.68
N TYR A 159 13.07 3.15 2.99
CA TYR A 159 14.10 3.64 3.89
C TYR A 159 14.88 2.43 4.42
N LEU A 160 16.14 2.66 4.75
CA LEU A 160 17.01 1.59 5.23
C LEU A 160 16.97 1.37 6.74
N HIS A 161 16.98 0.11 7.15
CA HIS A 161 17.03 -0.25 8.57
C HIS A 161 17.71 -1.62 8.71
N TYR A 162 18.98 -1.61 9.14
CA TYR A 162 19.70 -2.86 9.35
C TYR A 162 19.00 -3.67 10.46
N PHE A 163 18.54 -2.96 11.49
CA PHE A 163 17.85 -3.63 12.58
C PHE A 163 16.35 -3.53 12.42
N GLY A 164 15.62 -3.24 13.49
CA GLY A 164 14.18 -3.16 13.37
C GLY A 164 13.63 -2.19 12.34
N ARG A 165 12.44 -2.51 11.85
CA ARG A 165 11.74 -1.67 10.88
C ARG A 165 11.50 -0.30 11.50
N GLN A 166 11.51 -0.23 12.83
CA GLN A 166 11.28 1.04 13.51
C GLN A 166 12.57 1.62 14.03
N GLN A 167 13.67 1.22 13.40
CA GLN A 167 15.01 1.69 13.73
C GLN A 167 15.70 2.09 12.43
N PRO A 168 15.21 3.16 11.77
CA PRO A 168 15.83 3.60 10.51
C PRO A 168 17.26 4.10 10.72
N ASP A 169 18.19 3.61 9.91
CA ASP A 169 19.60 3.98 10.00
C ASP A 169 19.88 5.47 9.67
N LEU A 170 20.72 6.11 10.46
CA LEU A 170 21.06 7.52 10.23
C LEU A 170 22.08 7.64 9.10
N ASN A 171 22.01 8.72 8.33
CA ASN A 171 22.92 8.89 7.19
C ASN A 171 24.19 9.69 7.53
N TRP A 172 25.25 8.99 7.92
CA TRP A 172 26.51 9.62 8.27
C TRP A 172 27.23 10.31 7.10
N ASP A 173 26.76 10.09 5.86
CA ASP A 173 27.38 10.75 4.71
C ASP A 173 26.91 12.20 4.63
N THR A 174 25.94 12.56 5.46
CA THR A 174 25.43 13.91 5.47
C THR A 174 26.10 14.73 6.57
N PRO A 175 27.00 15.65 6.19
CA PRO A 175 27.69 16.49 7.18
C PRO A 175 26.82 17.06 8.28
N LYS A 176 25.65 17.59 7.94
CA LYS A 176 24.79 18.19 8.94
C LYS A 176 24.33 17.18 9.97
N LEU A 177 24.12 15.96 9.52
CA LEU A 177 23.70 14.91 10.43
C LEU A 177 24.85 14.66 11.41
N ARG A 178 26.06 14.51 10.88
CA ARG A 178 27.21 14.26 11.73
C ARG A 178 27.34 15.33 12.79
N GLU A 179 27.15 16.59 12.39
CA GLU A 179 27.27 17.68 13.32
C GLU A 179 26.21 17.65 14.39
N GLU A 180 25.02 17.21 14.03
CA GLU A 180 23.96 17.12 15.03
C GLU A 180 24.34 16.03 16.03
N LEU A 181 24.93 14.95 15.54
CA LEU A 181 25.32 13.85 16.44
C LEU A 181 26.42 14.30 17.42
N TYR A 182 27.34 15.12 16.93
CA TYR A 182 28.43 15.63 17.77
C TYR A 182 27.93 16.59 18.85
N ALA A 183 26.99 17.45 18.48
CA ALA A 183 26.40 18.41 19.42
C ALA A 183 25.68 17.61 20.48
N MET A 184 25.05 16.52 20.05
CA MET A 184 24.34 15.61 20.95
C MET A 184 25.32 14.96 21.94
N LEU A 185 26.46 14.51 21.47
CA LEU A 185 27.40 13.89 22.41
C LEU A 185 27.88 14.91 23.47
N ARG A 186 28.22 16.11 23.03
CA ARG A 186 28.69 17.14 23.97
C ARG A 186 27.63 17.42 25.02
N PHE A 187 26.36 17.31 24.64
CA PHE A 187 25.29 17.56 25.58
C PHE A 187 25.47 16.63 26.80
N TRP A 188 25.70 15.35 26.54
CA TRP A 188 25.88 14.42 27.64
C TRP A 188 27.27 14.54 28.26
N LEU A 189 28.30 14.77 27.45
CA LEU A 189 29.64 14.89 27.99
C LEU A 189 29.73 16.09 28.93
N ASP A 190 29.06 17.18 28.56
CA ASP A 190 29.08 18.37 29.38
C ASP A 190 28.46 18.09 30.74
N LYS A 191 27.61 17.07 30.82
CA LYS A 191 26.98 16.74 32.09
C LYS A 191 27.95 15.94 32.98
N GLY A 192 29.08 15.53 32.42
CA GLY A 192 30.06 14.81 33.19
C GLY A 192 30.23 13.31 33.00
N VAL A 193 29.49 12.67 32.07
CA VAL A 193 29.68 11.22 31.88
C VAL A 193 31.15 10.93 31.66
N SER A 194 31.62 9.81 32.21
CA SER A 194 33.03 9.44 32.12
C SER A 194 33.35 8.54 30.96
N GLY A 195 32.33 7.94 30.36
CA GLY A 195 32.58 7.05 29.25
C GLY A 195 31.40 6.91 28.33
N MET A 196 31.68 6.62 27.07
CA MET A 196 30.65 6.40 26.05
C MET A 196 30.96 5.13 25.26
N ARG A 197 29.97 4.25 25.15
CA ARG A 197 30.10 3.00 24.42
C ARG A 197 29.23 3.10 23.18
N PHE A 198 29.82 2.84 22.01
CA PHE A 198 29.05 2.96 20.79
C PHE A 198 28.44 1.66 20.19
N ASP A 199 27.13 1.57 20.30
CA ASP A 199 26.33 0.46 19.77
C ASP A 199 26.64 0.26 18.26
N THR A 200 26.94 -0.98 17.84
CA THR A 200 27.29 -1.31 16.45
C THR A 200 28.02 -0.18 15.72
N VAL A 201 29.21 0.15 16.21
N VAL A 201 29.20 0.16 16.22
CA VAL A 201 30.02 1.24 15.64
CA VAL A 201 30.01 1.25 15.66
C VAL A 201 30.55 0.97 14.24
C VAL A 201 30.59 0.98 14.28
N ALA A 202 30.73 -0.29 13.91
CA ALA A 202 31.28 -0.65 12.61
C ALA A 202 30.32 -0.56 11.43
N THR A 203 29.05 -0.29 11.68
CA THR A 203 28.09 -0.19 10.58
C THR A 203 27.71 1.22 10.11
N TYR A 204 28.34 2.25 10.68
CA TYR A 204 28.03 3.63 10.33
C TYR A 204 28.13 3.99 8.87
N SER A 205 29.18 3.51 8.21
CA SER A 205 29.34 3.84 6.80
C SER A 205 28.62 2.81 5.91
N LYS A 206 27.74 3.31 5.05
CA LYS A 206 26.99 2.46 4.13
C LYS A 206 27.74 2.41 2.80
N THR A 207 27.52 1.34 2.04
CA THR A 207 28.15 1.21 0.73
C THR A 207 27.44 2.05 -0.36
N PRO A 208 28.19 2.96 -1.01
CA PRO A 208 27.69 3.82 -2.08
C PRO A 208 26.99 3.03 -3.20
N GLY A 209 25.77 3.40 -3.55
CA GLY A 209 25.08 2.70 -4.61
C GLY A 209 24.28 1.49 -4.17
N PHE A 210 24.50 1.04 -2.94
CA PHE A 210 23.76 -0.09 -2.41
C PHE A 210 23.58 -1.29 -3.36
N PRO A 211 24.69 -1.77 -3.98
CA PRO A 211 24.57 -2.92 -4.90
C PRO A 211 24.21 -4.16 -4.08
N ASP A 212 23.61 -5.15 -4.72
CA ASP A 212 23.21 -6.38 -4.03
C ASP A 212 24.41 -7.09 -3.43
N LEU A 213 24.17 -7.78 -2.32
CA LEU A 213 25.24 -8.56 -1.72
C LEU A 213 25.35 -9.79 -2.60
N THR A 214 26.55 -10.31 -2.77
CA THR A 214 26.73 -11.51 -3.57
C THR A 214 26.25 -12.67 -2.71
N PRO A 215 25.99 -13.82 -3.36
CA PRO A 215 25.54 -15.03 -2.67
C PRO A 215 26.44 -15.31 -1.48
N GLU A 216 27.74 -15.23 -1.69
CA GLU A 216 28.69 -15.49 -0.62
C GLU A 216 28.56 -14.48 0.52
N GLN A 217 28.50 -13.19 0.19
CA GLN A 217 28.38 -12.13 1.21
C GLN A 217 27.08 -12.31 1.97
N MET A 218 26.06 -12.75 1.25
CA MET A 218 24.74 -12.97 1.82
C MET A 218 24.81 -13.96 2.98
N LYS A 219 25.75 -14.91 2.90
CA LYS A 219 25.91 -15.91 3.96
C LYS A 219 26.32 -15.30 5.31
N ASN A 220 26.91 -14.11 5.28
CA ASN A 220 27.30 -13.45 6.53
C ASN A 220 27.15 -11.99 6.23
N PHE A 221 25.92 -11.58 6.01
CA PHE A 221 25.68 -10.20 5.65
C PHE A 221 26.22 -9.20 6.67
N ALA A 222 26.28 -9.59 7.94
CA ALA A 222 26.78 -8.66 8.94
C ALA A 222 28.15 -8.13 8.58
N GLU A 223 28.98 -8.98 8.03
CA GLU A 223 30.32 -8.56 7.72
C GLU A 223 30.38 -7.49 6.66
N ALA A 224 29.57 -7.64 5.62
CA ALA A 224 29.55 -6.66 4.56
C ALA A 224 29.05 -5.31 5.08
N TYR A 225 28.16 -5.33 6.07
CA TYR A 225 27.63 -4.08 6.62
C TYR A 225 28.70 -3.31 7.42
N THR A 226 29.86 -3.92 7.64
CA THR A 226 30.91 -3.23 8.38
C THR A 226 32.00 -2.73 7.43
N GLN A 227 31.73 -2.84 6.13
CA GLN A 227 32.69 -2.46 5.11
C GLN A 227 32.46 -1.13 4.43
N GLY A 228 31.72 -0.22 5.05
CA GLY A 228 31.51 1.08 4.43
C GLY A 228 32.88 1.69 4.19
N PRO A 229 33.11 2.33 3.02
CA PRO A 229 34.42 2.93 2.73
C PRO A 229 34.84 4.17 3.54
N ASN A 230 33.91 4.78 4.28
CA ASN A 230 34.27 5.96 5.07
C ASN A 230 34.25 5.75 6.59
N LEU A 231 34.13 4.51 7.02
CA LEU A 231 34.03 4.21 8.42
C LEU A 231 35.06 4.88 9.30
N HIS A 232 36.32 4.63 9.07
CA HIS A 232 37.33 5.20 9.94
C HIS A 232 37.53 6.68 9.83
N ARG A 233 37.18 7.21 8.67
CA ARG A 233 37.26 8.64 8.45
C ARG A 233 36.21 9.28 9.37
N TYR A 234 35.01 8.71 9.43
CA TYR A 234 33.99 9.26 10.29
C TYR A 234 34.39 9.10 11.76
N LEU A 235 34.84 7.92 12.13
CA LEU A 235 35.21 7.72 13.51
C LEU A 235 36.30 8.71 13.94
N GLN A 236 37.25 8.97 13.04
CA GLN A 236 38.34 9.89 13.34
C GLN A 236 37.80 11.31 13.45
N GLU A 237 36.86 11.66 12.58
CA GLU A 237 36.26 13.01 12.64
C GLU A 237 35.55 13.18 13.99
N MET A 238 34.80 12.16 14.42
CA MET A 238 34.08 12.23 15.68
C MET A 238 35.02 12.43 16.86
N HIS A 239 36.17 11.77 16.82
CA HIS A 239 37.14 11.89 17.92
C HIS A 239 37.76 13.28 17.92
N GLU A 240 38.08 13.77 16.74
CA GLU A 240 38.70 15.08 16.60
C GLU A 240 37.80 16.23 17.02
N LYS A 241 36.53 16.13 16.68
CA LYS A 241 35.57 17.19 16.99
C LYS A 241 34.95 17.08 18.37
N VAL A 242 34.99 15.90 18.96
CA VAL A 242 34.39 15.71 20.26
C VAL A 242 35.33 15.26 21.39
N PHE A 243 35.67 13.99 21.37
CA PHE A 243 36.49 13.38 22.42
C PHE A 243 37.84 14.00 22.66
N ASP A 244 38.30 14.72 21.66
CA ASP A 244 39.57 15.39 21.75
C ASP A 244 39.47 16.46 22.83
N HIS A 245 38.26 16.93 23.05
CA HIS A 245 38.04 18.01 24.02
C HIS A 245 37.51 17.52 25.35
N TYR A 246 37.48 16.21 25.55
CA TYR A 246 36.99 15.69 26.80
C TYR A 246 37.94 14.69 27.39
N ASP A 247 37.55 14.21 28.55
CA ASP A 247 38.34 13.30 29.34
C ASP A 247 37.61 11.98 29.49
N ALA A 248 36.73 11.67 28.55
CA ALA A 248 35.95 10.43 28.62
C ALA A 248 36.61 9.27 27.86
N VAL A 249 36.46 8.07 28.39
CA VAL A 249 37.00 6.90 27.73
C VAL A 249 35.96 6.45 26.69
N THR A 250 36.40 6.05 25.51
CA THR A 250 35.45 5.59 24.51
C THR A 250 35.59 4.08 24.29
N ALA A 251 34.47 3.43 23.99
CA ALA A 251 34.48 1.99 23.72
C ALA A 251 33.57 1.74 22.52
N GLY A 252 34.02 0.86 21.64
CA GLY A 252 33.24 0.54 20.46
C GLY A 252 32.73 -0.90 20.42
N GLU A 253 31.44 -1.07 20.13
CA GLU A 253 30.87 -2.39 20.00
C GLU A 253 31.03 -2.70 18.53
N ILE A 254 32.04 -3.51 18.23
CA ILE A 254 32.38 -3.89 16.88
C ILE A 254 31.66 -5.15 16.47
N PHE A 255 30.41 -4.95 16.08
CA PHE A 255 29.52 -6.04 15.67
C PHE A 255 29.59 -6.40 14.17
N GLY A 256 29.90 -7.66 13.89
CA GLY A 256 29.94 -8.13 12.52
C GLY A 256 31.26 -8.08 11.80
N ALA A 257 32.21 -7.32 12.33
CA ALA A 257 33.52 -7.16 11.71
C ALA A 257 34.51 -8.27 12.01
N PRO A 258 35.39 -8.60 11.03
CA PRO A 258 36.41 -9.64 11.22
C PRO A 258 37.37 -9.13 12.27
N LEU A 259 37.88 -10.02 13.10
CA LEU A 259 38.78 -9.61 14.16
C LEU A 259 40.02 -8.84 13.67
N ASN A 260 40.51 -9.17 12.49
CA ASN A 260 41.70 -8.49 11.99
C ASN A 260 41.49 -7.01 11.76
N GLN A 261 40.24 -6.56 11.75
CA GLN A 261 39.92 -5.14 11.55
C GLN A 261 39.91 -4.36 12.86
N VAL A 262 39.77 -5.07 13.97
CA VAL A 262 39.69 -4.42 15.27
C VAL A 262 40.73 -3.35 15.60
N PRO A 263 42.00 -3.62 15.32
CA PRO A 263 43.06 -2.65 15.62
C PRO A 263 42.81 -1.26 15.01
N LEU A 264 42.11 -1.21 13.89
CA LEU A 264 41.84 0.06 13.24
C LEU A 264 41.01 0.95 14.16
N PHE A 265 40.16 0.33 14.98
CA PHE A 265 39.29 1.05 15.90
C PHE A 265 39.95 1.41 17.23
N ILE A 266 40.83 0.55 17.74
CA ILE A 266 41.38 0.80 19.06
C ILE A 266 42.84 1.19 19.23
N ASP A 267 43.63 1.12 18.17
CA ASP A 267 45.04 1.50 18.27
C ASP A 267 45.04 2.96 18.72
N SER A 268 45.56 3.24 19.91
CA SER A 268 45.54 4.61 20.43
C SER A 268 46.10 5.65 19.45
N ARG A 269 47.09 5.25 18.66
CA ARG A 269 47.69 6.16 17.69
C ARG A 269 46.70 6.65 16.64
N ARG A 270 45.74 5.82 16.27
CA ARG A 270 44.78 6.21 15.25
C ARG A 270 43.76 7.22 15.75
N LYS A 271 43.70 7.45 17.05
CA LYS A 271 42.75 8.42 17.59
C LYS A 271 41.30 8.17 17.18
N GLU A 272 40.85 6.95 17.40
CA GLU A 272 39.46 6.60 17.12
C GLU A 272 38.87 6.26 18.49
N LEU A 273 38.82 4.98 18.86
CA LEU A 273 38.27 4.56 20.16
C LEU A 273 39.33 3.99 21.11
N ASP A 274 39.03 3.94 22.41
CA ASP A 274 39.98 3.39 23.38
C ASP A 274 39.88 1.89 23.60
N MET A 275 38.66 1.38 23.73
CA MET A 275 38.45 -0.05 24.03
C MET A 275 37.54 -0.78 23.06
N ALA A 276 37.75 -2.09 22.91
CA ALA A 276 36.91 -2.87 22.02
C ALA A 276 35.98 -3.84 22.72
N PHE A 277 34.79 -3.99 22.15
CA PHE A 277 33.78 -4.93 22.62
C PHE A 277 33.59 -5.80 21.37
N THR A 278 34.10 -7.03 21.36
CA THR A 278 33.90 -7.91 20.20
C THR A 278 32.98 -9.08 20.56
N PHE A 279 32.56 -9.84 19.54
CA PHE A 279 31.65 -10.97 19.76
C PHE A 279 32.30 -12.30 19.57
N ASP A 280 33.55 -12.33 19.14
CA ASP A 280 34.21 -13.60 18.87
C ASP A 280 34.07 -14.60 20.00
N LEU A 281 34.41 -14.20 21.23
CA LEU A 281 34.32 -15.14 22.34
C LEU A 281 32.90 -15.50 22.71
N ILE A 282 32.07 -14.49 23.02
CA ILE A 282 30.70 -14.77 23.46
C ILE A 282 29.81 -15.47 22.44
N ARG A 283 30.19 -15.42 21.17
CA ARG A 283 29.44 -16.11 20.13
C ARG A 283 30.34 -17.19 19.53
N TYR A 284 31.38 -17.61 20.25
CA TYR A 284 32.28 -18.64 19.69
C TYR A 284 31.59 -19.95 19.33
N ASP A 285 30.47 -20.24 19.98
CA ASP A 285 29.71 -21.45 19.72
C ASP A 285 28.34 -21.16 19.11
N ARG A 286 28.21 -20.01 18.43
CA ARG A 286 26.92 -19.64 17.84
C ARG A 286 26.94 -19.86 16.34
N ALA A 287 25.84 -20.41 15.81
CA ALA A 287 25.77 -20.62 14.36
C ALA A 287 25.57 -19.27 13.68
N LEU A 288 25.79 -19.26 12.38
CA LEU A 288 25.64 -18.08 11.56
C LEU A 288 24.25 -17.46 11.62
N ASP A 289 23.22 -18.30 11.75
CA ASP A 289 21.86 -17.78 11.82
C ASP A 289 21.54 -17.16 13.18
N ARG A 290 22.48 -17.30 14.10
CA ARG A 290 22.37 -16.72 15.44
C ARG A 290 21.37 -17.36 16.39
N TRP A 291 20.71 -18.44 15.99
CA TRP A 291 19.81 -19.07 16.95
C TRP A 291 20.12 -20.55 17.19
N HIS A 292 21.14 -21.06 16.52
CA HIS A 292 21.56 -22.42 16.76
C HIS A 292 22.91 -22.30 17.44
N THR A 293 23.32 -23.37 18.12
CA THR A 293 24.61 -23.39 18.76
C THR A 293 25.38 -24.53 18.12
N ILE A 294 26.70 -24.45 18.20
CA ILE A 294 27.58 -25.44 17.64
C ILE A 294 28.46 -25.93 18.79
N PRO A 295 28.65 -27.23 18.91
CA PRO A 295 29.48 -27.69 20.03
C PRO A 295 30.94 -27.22 19.95
N ARG A 296 31.46 -26.71 21.06
CA ARG A 296 32.86 -26.26 21.16
C ARG A 296 33.50 -26.80 22.44
N THR A 297 34.81 -26.60 22.59
CA THR A 297 35.50 -27.05 23.79
C THR A 297 36.34 -25.91 24.37
N LEU A 298 36.94 -26.18 25.51
CA LEU A 298 37.80 -25.19 26.12
C LEU A 298 38.89 -24.81 25.11
N ALA A 299 39.36 -25.78 24.33
CA ALA A 299 40.41 -25.46 23.34
C ALA A 299 39.96 -24.30 22.43
N ASP A 300 38.69 -24.31 21.99
CA ASP A 300 38.16 -23.24 21.14
C ASP A 300 38.00 -21.94 21.95
N PHE A 301 37.58 -22.09 23.19
CA PHE A 301 37.37 -20.96 24.10
C PHE A 301 38.67 -20.15 24.26
N ARG A 302 39.74 -20.83 24.69
CA ARG A 302 41.02 -20.19 24.91
C ARG A 302 41.74 -19.69 23.65
N GLN A 303 41.62 -20.44 22.56
CA GLN A 303 42.27 -20.03 21.33
C GLN A 303 41.65 -18.74 20.80
N THR A 304 40.34 -18.55 21.04
CA THR A 304 39.63 -17.33 20.62
C THR A 304 40.15 -16.18 21.50
N ILE A 305 40.16 -16.41 22.81
CA ILE A 305 40.67 -15.40 23.74
C ILE A 305 42.11 -15.03 23.36
N ASP A 306 42.88 -16.02 22.93
CA ASP A 306 44.26 -15.80 22.52
C ASP A 306 44.35 -14.87 21.32
N LYS A 307 43.47 -15.07 20.34
CA LYS A 307 43.46 -14.21 19.16
C LYS A 307 42.97 -12.81 19.49
N VAL A 308 41.96 -12.71 20.34
CA VAL A 308 41.42 -11.40 20.68
C VAL A 308 42.50 -10.61 21.42
N ASP A 309 43.14 -11.22 22.39
CA ASP A 309 44.18 -10.54 23.13
C ASP A 309 45.30 -10.06 22.22
N ALA A 310 45.69 -10.93 21.29
CA ALA A 310 46.72 -10.62 20.33
C ALA A 310 46.45 -9.39 19.44
N ILE A 311 45.22 -9.20 18.94
CA ILE A 311 45.00 -8.04 18.08
C ILE A 311 44.98 -6.71 18.81
N ALA A 312 45.03 -6.71 20.13
CA ALA A 312 45.09 -5.43 20.84
C ALA A 312 46.51 -4.85 20.73
N GLY A 313 47.46 -5.67 20.30
CA GLY A 313 48.84 -5.21 20.16
C GLY A 313 49.36 -4.43 21.36
N GLU A 314 50.27 -3.49 21.11
CA GLU A 314 50.85 -2.66 22.15
C GLU A 314 50.07 -1.37 22.39
N TYR A 315 49.33 -0.94 21.37
CA TYR A 315 48.60 0.30 21.47
C TYR A 315 47.10 0.16 21.61
N GLY A 316 46.61 -1.07 21.56
CA GLY A 316 45.19 -1.31 21.66
C GLY A 316 44.75 -1.78 23.04
N TRP A 317 43.44 -1.90 23.26
CA TRP A 317 42.95 -2.37 24.54
C TRP A 317 41.59 -3.03 24.43
N ASN A 318 41.43 -4.20 25.02
CA ASN A 318 40.18 -4.95 24.98
C ASN A 318 39.39 -4.88 26.26
N THR A 319 38.07 -5.14 26.14
CA THR A 319 37.19 -5.26 27.30
C THR A 319 37.13 -6.79 27.37
N PHE A 320 36.67 -7.34 28.48
CA PHE A 320 36.49 -8.79 28.58
C PHE A 320 35.22 -9.03 29.38
N PHE A 321 34.40 -9.95 28.90
CA PHE A 321 33.15 -10.26 29.57
C PHE A 321 32.71 -11.67 29.19
N LEU A 322 31.85 -12.26 30.01
CA LEU A 322 31.33 -13.59 29.71
C LEU A 322 29.83 -13.48 29.59
N GLY A 323 29.32 -12.27 29.83
CA GLY A 323 27.89 -12.04 29.73
C GLY A 323 27.51 -10.59 29.47
N ASN A 324 26.31 -10.40 28.95
CA ASN A 324 25.75 -9.07 28.67
C ASN A 324 24.28 -9.20 28.29
N HIS A 325 23.67 -8.08 27.93
CA HIS A 325 22.25 -8.03 27.58
C HIS A 325 21.86 -8.74 26.28
N ASP A 326 22.84 -9.14 25.48
CA ASP A 326 22.55 -9.78 24.20
C ASP A 326 22.84 -11.27 24.13
N ASN A 327 23.12 -11.91 25.26
CA ASN A 327 23.48 -13.32 25.25
C ASN A 327 22.98 -14.16 26.43
N PRO A 328 23.05 -15.49 26.31
CA PRO A 328 22.60 -16.35 27.42
C PRO A 328 23.49 -16.12 28.65
N ARG A 329 23.02 -16.55 29.82
CA ARG A 329 23.76 -16.38 31.08
C ARG A 329 25.09 -17.13 31.10
N ALA A 330 26.13 -16.41 31.53
CA ALA A 330 27.48 -16.94 31.58
C ALA A 330 27.63 -18.35 32.17
N VAL A 331 27.04 -18.59 33.33
CA VAL A 331 27.19 -19.90 33.95
C VAL A 331 26.53 -20.98 33.10
N SER A 332 25.40 -20.67 32.48
CA SER A 332 24.71 -21.63 31.62
C SER A 332 25.45 -21.86 30.30
N HIS A 333 26.03 -20.80 29.77
CA HIS A 333 26.74 -20.81 28.47
C HIS A 333 28.11 -21.42 28.54
N PHE A 334 28.93 -20.95 29.48
CA PHE A 334 30.28 -21.42 29.61
C PHE A 334 30.50 -22.39 30.78
N GLY A 335 29.58 -22.41 31.73
CA GLY A 335 29.80 -23.29 32.87
C GLY A 335 28.88 -24.48 32.89
N ASP A 336 28.39 -24.84 34.08
CA ASP A 336 27.46 -25.94 34.22
C ASP A 336 26.40 -25.46 35.19
N ASP A 337 25.21 -25.13 34.69
CA ASP A 337 24.21 -24.62 35.59
C ASP A 337 23.38 -25.66 36.32
N ARG A 338 23.76 -26.93 36.22
CA ARG A 338 23.02 -27.97 36.94
C ARG A 338 23.17 -27.66 38.42
N PRO A 339 22.12 -27.94 39.21
CA PRO A 339 22.12 -27.69 40.65
C PRO A 339 23.42 -28.00 41.38
N GLN A 340 24.01 -29.17 41.13
CA GLN A 340 25.24 -29.52 41.84
C GLN A 340 26.53 -28.88 41.33
N TRP A 341 26.52 -28.23 40.17
CA TRP A 341 27.73 -27.60 39.66
C TRP A 341 27.63 -26.08 39.43
N ARG A 342 26.43 -25.53 39.55
CA ARG A 342 26.23 -24.11 39.31
C ARG A 342 27.22 -23.19 40.05
N GLU A 343 27.30 -23.33 41.37
CA GLU A 343 28.19 -22.49 42.15
C GLU A 343 29.66 -22.68 41.83
N ALA A 344 30.09 -23.94 41.75
CA ALA A 344 31.49 -24.23 41.45
C ALA A 344 31.92 -23.67 40.10
N SER A 345 31.15 -23.94 39.05
CA SER A 345 31.52 -23.43 37.73
C SER A 345 31.37 -21.89 37.70
N ALA A 346 30.38 -21.36 38.41
CA ALA A 346 30.22 -19.90 38.45
C ALA A 346 31.47 -19.27 39.07
N LYS A 347 31.96 -19.83 40.18
CA LYS A 347 33.16 -19.27 40.79
C LYS A 347 34.36 -19.38 39.83
N ALA A 348 34.46 -20.53 39.16
CA ALA A 348 35.53 -20.74 38.21
C ALA A 348 35.48 -19.69 37.11
N LEU A 349 34.29 -19.43 36.59
CA LEU A 349 34.18 -18.45 35.52
C LEU A 349 34.56 -17.06 36.02
N ALA A 350 34.23 -16.77 37.29
CA ALA A 350 34.56 -15.47 37.89
C ALA A 350 36.06 -15.30 37.94
N THR A 351 36.77 -16.38 38.23
CA THR A 351 38.23 -16.34 38.29
C THR A 351 38.80 -15.98 36.91
N VAL A 352 38.20 -16.56 35.86
CA VAL A 352 38.65 -16.27 34.50
C VAL A 352 38.41 -14.80 34.20
N THR A 353 37.18 -14.35 34.35
CA THR A 353 36.80 -12.97 34.08
C THR A 353 37.68 -11.91 34.73
N LEU A 354 38.00 -12.10 36.02
N LEU A 354 38.00 -12.11 36.01
CA LEU A 354 38.79 -11.13 36.74
CA LEU A 354 38.79 -11.14 36.75
C LEU A 354 40.31 -11.24 36.62
C LEU A 354 40.30 -11.25 36.66
N THR A 355 40.79 -12.19 35.84
CA THR A 355 42.23 -12.35 35.65
C THR A 355 42.61 -12.21 34.17
N GLN A 356 41.65 -11.80 33.35
CA GLN A 356 41.94 -11.63 31.94
C GLN A 356 42.62 -10.29 31.67
N ARG A 357 43.43 -10.25 30.63
CA ARG A 357 44.08 -9.01 30.28
C ARG A 357 43.04 -8.16 29.54
N GLY A 358 42.75 -6.97 30.06
CA GLY A 358 41.75 -6.11 29.44
C GLY A 358 40.89 -5.54 30.55
N THR A 359 39.83 -4.82 30.21
CA THR A 359 38.97 -4.24 31.22
C THR A 359 37.73 -5.11 31.38
N PRO A 360 37.59 -5.75 32.56
CA PRO A 360 36.44 -6.62 32.82
C PRO A 360 35.09 -5.94 33.05
N PHE A 361 34.07 -6.55 32.47
CA PHE A 361 32.70 -6.09 32.59
C PHE A 361 31.90 -7.27 33.13
N ILE A 362 31.33 -7.07 34.31
CA ILE A 362 30.51 -8.06 34.99
C ILE A 362 29.06 -7.68 34.73
N PHE A 363 28.30 -8.56 34.10
CA PHE A 363 26.89 -8.28 33.81
C PHE A 363 26.04 -8.54 35.06
N GLN A 364 25.11 -7.64 35.39
CA GLN A 364 24.27 -7.78 36.58
C GLN A 364 23.70 -9.20 36.78
N GLY A 365 23.92 -9.73 37.98
CA GLY A 365 23.40 -11.04 38.28
C GLY A 365 24.42 -12.17 38.15
N ASP A 366 25.45 -11.97 37.36
CA ASP A 366 26.41 -13.03 37.24
C ASP A 366 27.21 -13.18 38.52
N GLU A 367 27.22 -12.13 39.36
CA GLU A 367 27.94 -12.20 40.61
C GLU A 367 27.14 -13.08 41.55
N LEU A 368 25.90 -13.41 41.16
CA LEU A 368 25.06 -14.25 42.01
C LEU A 368 24.96 -15.69 41.51
N GLY A 369 25.32 -15.90 40.26
CA GLY A 369 25.24 -17.22 39.66
C GLY A 369 23.89 -17.42 38.95
N MET A 370 23.29 -16.34 38.44
CA MET A 370 22.01 -16.46 37.74
C MET A 370 22.16 -17.30 36.47
N THR A 371 21.07 -18.00 36.12
CA THR A 371 21.08 -18.90 34.98
C THR A 371 20.08 -18.50 33.93
N ASN A 372 20.03 -19.32 32.88
CA ASN A 372 19.10 -19.11 31.79
C ASN A 372 17.72 -19.29 32.38
N TYR A 373 16.71 -18.88 31.64
CA TYR A 373 15.35 -18.98 32.11
C TYR A 373 14.65 -20.15 31.42
N PRO A 374 13.77 -20.88 32.13
CA PRO A 374 13.06 -22.03 31.54
C PRO A 374 11.86 -21.65 30.68
N PHE A 375 12.14 -21.17 29.48
CA PHE A 375 11.08 -20.79 28.56
C PHE A 375 10.24 -22.02 28.22
N LYS A 376 8.93 -21.84 28.13
CA LYS A 376 8.04 -22.95 27.78
C LYS A 376 7.40 -22.76 26.40
N THR A 377 7.14 -21.52 26.03
CA THR A 377 6.52 -21.24 24.74
C THR A 377 7.21 -20.06 24.09
N LEU A 378 6.93 -19.83 22.81
CA LEU A 378 7.51 -18.70 22.09
C LEU A 378 6.96 -17.42 22.72
N GLN A 379 5.79 -17.52 23.33
CA GLN A 379 5.20 -16.35 23.94
C GLN A 379 5.92 -15.92 25.23
N ASP A 380 6.80 -16.76 25.76
CA ASP A 380 7.52 -16.37 26.97
C ASP A 380 8.68 -15.42 26.63
N PHE A 381 8.95 -15.20 25.35
CA PHE A 381 10.02 -14.31 24.93
C PHE A 381 9.47 -12.97 24.57
N ASP A 382 10.10 -11.91 25.07
CA ASP A 382 9.68 -10.57 24.75
C ASP A 382 10.47 -10.03 23.54
N ASP A 383 11.66 -10.58 23.37
CA ASP A 383 12.60 -10.14 22.34
C ASP A 383 12.11 -10.03 20.91
N ILE A 384 12.32 -8.85 20.32
CA ILE A 384 11.92 -8.59 18.95
C ILE A 384 12.70 -9.49 17.98
N GLU A 385 13.91 -9.89 18.39
CA GLU A 385 14.76 -10.77 17.60
C GLU A 385 14.14 -12.17 17.41
N VAL A 386 13.43 -12.64 18.42
CA VAL A 386 12.80 -13.95 18.30
C VAL A 386 11.66 -13.86 17.30
N LYS A 387 10.92 -12.76 17.33
CA LYS A 387 9.82 -12.56 16.39
C LYS A 387 10.45 -12.58 14.99
N GLY A 388 11.63 -11.95 14.88
CA GLY A 388 12.33 -11.93 13.60
C GLY A 388 12.63 -13.34 13.11
N PHE A 389 13.11 -14.21 14.01
CA PHE A 389 13.42 -15.60 13.64
C PHE A 389 12.15 -16.35 13.18
N PHE A 390 11.03 -16.06 13.83
CA PHE A 390 9.77 -16.71 13.47
C PHE A 390 9.44 -16.31 12.03
N GLN A 391 9.48 -15.00 11.78
CA GLN A 391 9.22 -14.47 10.46
C GLN A 391 10.17 -15.08 9.43
N ASP A 392 11.46 -15.10 9.75
CA ASP A 392 12.39 -15.61 8.77
C ASP A 392 12.53 -17.11 8.64
N TYR A 393 12.24 -17.85 9.69
CA TYR A 393 12.40 -19.30 9.63
C TYR A 393 11.17 -20.15 9.82
N VAL A 394 10.19 -19.68 10.59
CA VAL A 394 9.02 -20.49 10.79
C VAL A 394 7.95 -20.23 9.71
N GLU A 395 7.69 -18.96 9.41
CA GLU A 395 6.69 -18.62 8.40
C GLU A 395 7.13 -19.04 7.00
N THR A 396 8.45 -19.12 6.80
CA THR A 396 9.01 -19.52 5.50
C THR A 396 9.08 -21.06 5.45
N GLY A 397 8.74 -21.67 6.57
CA GLY A 397 8.76 -23.11 6.69
C GLY A 397 10.13 -23.77 6.76
N LYS A 398 11.17 -23.02 7.05
CA LYS A 398 12.51 -23.61 7.14
C LYS A 398 12.64 -24.40 8.45
N ALA A 399 11.77 -24.10 9.41
CA ALA A 399 11.83 -24.77 10.70
C ALA A 399 10.46 -24.68 11.34
N THR A 400 10.20 -25.55 12.31
CA THR A 400 8.90 -25.54 12.99
C THR A 400 9.04 -24.63 14.21
N ALA A 401 7.90 -24.25 14.78
CA ALA A 401 7.90 -23.38 15.94
C ALA A 401 8.62 -24.08 17.10
N GLU A 402 8.44 -25.40 17.20
CA GLU A 402 9.08 -26.16 18.26
C GLU A 402 10.63 -26.17 18.10
N GLU A 403 11.09 -26.30 16.86
CA GLU A 403 12.52 -26.26 16.61
C GLU A 403 13.07 -24.89 17.06
N LEU A 404 12.38 -23.83 16.69
CA LEU A 404 12.81 -22.49 17.07
C LEU A 404 12.89 -22.37 18.59
N LEU A 405 11.83 -22.78 19.28
N LEU A 405 11.83 -22.79 19.28
CA LEU A 405 11.77 -22.73 20.74
CA LEU A 405 11.75 -22.75 20.74
C LEU A 405 12.91 -23.50 21.38
C LEU A 405 12.90 -23.51 21.39
N THR A 406 13.10 -24.75 20.94
CA THR A 406 14.15 -25.62 21.46
C THR A 406 15.53 -24.98 21.45
N ASN A 407 15.88 -24.45 20.28
CA ASN A 407 17.18 -23.85 20.06
C ASN A 407 17.37 -22.43 20.60
N VAL A 408 16.38 -21.57 20.38
CA VAL A 408 16.51 -20.20 20.84
C VAL A 408 16.42 -20.07 22.35
N ALA A 409 15.90 -21.09 23.04
CA ALA A 409 15.82 -21.05 24.50
C ALA A 409 17.24 -21.02 25.07
N LEU A 410 18.19 -21.53 24.30
CA LEU A 410 19.57 -21.57 24.75
C LEU A 410 20.47 -20.42 24.27
N THR A 411 19.96 -19.64 23.32
CA THR A 411 20.70 -18.50 22.73
C THR A 411 20.05 -17.13 22.93
N SER A 412 18.75 -17.11 23.24
CA SER A 412 18.03 -15.85 23.37
C SER A 412 18.60 -14.81 24.32
N ARG A 413 18.43 -13.55 23.92
CA ARG A 413 18.90 -12.43 24.71
C ARG A 413 18.04 -12.28 25.97
N ASP A 414 16.83 -12.82 25.96
CA ASP A 414 15.98 -12.67 27.13
C ASP A 414 16.50 -13.46 28.32
N ASN A 415 17.38 -14.43 28.08
CA ASN A 415 17.93 -15.20 29.20
C ASN A 415 18.63 -14.24 30.16
N ALA A 416 19.20 -13.18 29.59
CA ALA A 416 19.93 -12.18 30.38
C ALA A 416 19.08 -11.03 30.88
N ARG A 417 17.83 -10.99 30.45
CA ARG A 417 16.97 -9.88 30.81
C ARG A 417 15.91 -10.11 31.87
N THR A 418 15.91 -11.30 32.48
CA THR A 418 14.94 -11.53 33.53
C THR A 418 15.42 -10.74 34.76
N PRO A 419 14.47 -10.16 35.53
CA PRO A 419 14.72 -9.35 36.74
C PRO A 419 15.85 -9.85 37.65
N PHE A 420 16.70 -8.92 38.06
CA PHE A 420 17.81 -9.20 38.96
C PHE A 420 17.18 -9.75 40.27
N GLN A 421 17.74 -10.83 40.80
CA GLN A 421 17.20 -11.45 42.02
C GLN A 421 17.81 -10.96 43.33
N TRP A 422 17.17 -9.94 43.89
CA TRP A 422 17.62 -9.31 45.12
C TRP A 422 17.47 -10.16 46.38
N ASP A 423 16.34 -10.85 46.50
CA ASP A 423 16.08 -11.68 47.68
C ASP A 423 14.96 -12.66 47.37
N ASP A 424 14.37 -13.28 48.40
CA ASP A 424 13.30 -14.24 48.15
C ASP A 424 11.90 -13.74 48.46
N SER A 425 11.68 -12.44 48.36
CA SER A 425 10.33 -11.95 48.58
C SER A 425 9.71 -12.03 47.18
N ALA A 426 8.45 -11.64 47.04
CA ALA A 426 7.80 -11.71 45.74
C ALA A 426 8.63 -11.12 44.62
N ASN A 427 8.69 -11.86 43.52
CA ASN A 427 9.42 -11.43 42.33
C ASN A 427 10.83 -10.99 42.73
N ALA A 428 11.44 -11.85 43.56
CA ALA A 428 12.78 -11.67 44.09
C ALA A 428 13.09 -10.24 44.50
N GLY A 429 12.09 -9.54 45.03
CA GLY A 429 12.32 -8.17 45.47
C GLY A 429 12.70 -7.18 44.38
N PHE A 430 12.47 -7.55 43.12
CA PHE A 430 12.75 -6.65 42.00
C PHE A 430 11.63 -5.58 41.88
N THR A 431 10.40 -6.01 42.14
CA THR A 431 9.25 -5.11 42.02
C THR A 431 8.12 -5.50 42.96
N THR A 432 7.22 -4.56 43.21
CA THR A 432 6.07 -4.80 44.06
C THR A 432 4.89 -5.04 43.13
N GLY A 433 5.14 -4.95 41.82
CA GLY A 433 4.08 -5.16 40.86
C GLY A 433 4.36 -6.42 40.05
N LYS A 434 4.01 -6.36 38.76
CA LYS A 434 4.22 -7.50 37.88
C LYS A 434 5.41 -7.19 36.99
N PRO A 435 6.48 -7.99 37.08
CA PRO A 435 7.69 -7.79 36.28
C PRO A 435 7.41 -7.82 34.79
N TRP A 436 8.07 -6.95 34.03
CA TRP A 436 7.85 -6.88 32.59
C TRP A 436 8.21 -8.21 31.89
N LEU A 437 9.12 -8.94 32.51
CA LEU A 437 9.52 -10.25 32.02
C LEU A 437 9.58 -11.11 33.28
N LYS A 438 9.01 -12.31 33.22
CA LYS A 438 8.97 -13.22 34.36
C LYS A 438 10.29 -13.46 35.09
N VAL A 439 10.22 -13.53 36.42
CA VAL A 439 11.42 -13.79 37.22
C VAL A 439 11.72 -15.28 37.18
N ASN A 440 13.00 -15.64 37.23
CA ASN A 440 13.33 -17.04 37.20
C ASN A 440 12.88 -17.64 38.53
N PRO A 441 12.25 -18.83 38.46
CA PRO A 441 11.81 -19.46 39.70
C PRO A 441 12.97 -19.80 40.65
N ASN A 442 14.18 -19.95 40.12
CA ASN A 442 15.27 -20.29 41.03
C ASN A 442 15.68 -19.14 41.93
N TYR A 443 14.90 -18.07 41.93
CA TYR A 443 15.23 -16.95 42.77
C TYR A 443 15.12 -17.33 44.24
N THR A 444 14.34 -18.37 44.57
CA THR A 444 14.23 -18.77 45.98
C THR A 444 15.59 -19.20 46.56
N GLU A 445 16.50 -19.68 45.73
CA GLU A 445 17.82 -20.06 46.23
C GLU A 445 18.94 -19.17 45.70
N ILE A 446 18.75 -18.56 44.54
CA ILE A 446 19.76 -17.68 43.99
C ILE A 446 19.29 -16.25 44.15
N ASN A 447 19.80 -15.55 45.17
CA ASN A 447 19.43 -14.14 45.38
C ASN A 447 20.52 -13.43 46.20
N ALA A 448 20.65 -12.13 45.99
CA ALA A 448 21.67 -11.35 46.65
C ALA A 448 21.62 -11.41 48.18
N ALA A 449 20.44 -11.28 48.76
CA ALA A 449 20.34 -11.30 50.22
C ALA A 449 20.93 -12.58 50.78
N ARG A 450 20.66 -13.71 50.13
CA ARG A 450 21.18 -14.98 50.62
C ARG A 450 22.69 -15.13 50.45
N GLU A 451 23.28 -14.49 49.46
CA GLU A 451 24.70 -14.66 49.26
C GLU A 451 25.59 -13.60 49.92
N ILE A 452 25.01 -12.44 50.16
CA ILE A 452 25.75 -11.33 50.74
C ILE A 452 26.49 -11.62 52.04
N GLY A 453 25.80 -12.21 53.00
CA GLY A 453 26.45 -12.49 54.27
C GLY A 453 27.08 -13.87 54.36
N ASP A 454 27.13 -14.58 53.24
CA ASP A 454 27.70 -15.92 53.23
C ASP A 454 29.03 -15.83 52.57
N PRO A 455 30.09 -15.97 53.36
CA PRO A 455 31.46 -15.90 52.84
C PRO A 455 31.80 -16.96 51.82
N LYS A 456 30.95 -17.98 51.68
CA LYS A 456 31.19 -19.05 50.72
C LYS A 456 30.36 -18.92 49.45
N SER A 457 29.63 -17.81 49.33
CA SER A 457 28.76 -17.58 48.18
C SER A 457 29.51 -17.16 46.92
N VAL A 458 28.83 -17.25 45.77
N VAL A 458 28.81 -17.24 45.78
CA VAL A 458 29.46 -16.85 44.52
CA VAL A 458 29.39 -16.84 44.51
C VAL A 458 29.71 -15.34 44.58
C VAL A 458 29.71 -15.34 44.59
N TYR A 459 28.79 -14.61 45.22
CA TYR A 459 28.95 -13.18 45.39
C TYR A 459 30.25 -12.83 46.11
N SER A 460 30.51 -13.50 47.23
CA SER A 460 31.72 -13.22 48.00
C SER A 460 32.94 -13.60 47.22
N PHE A 461 32.83 -14.66 46.43
CA PHE A 461 33.99 -15.06 45.67
C PHE A 461 34.36 -13.95 44.66
N TYR A 462 33.35 -13.35 44.03
CA TYR A 462 33.56 -12.26 43.07
C TYR A 462 34.15 -11.07 43.80
N ARG A 463 33.61 -10.79 44.97
CA ARG A 463 34.09 -9.68 45.73
C ARG A 463 35.56 -9.85 46.09
N ASN A 464 35.91 -11.07 46.52
CA ASN A 464 37.28 -11.37 46.86
C ASN A 464 38.18 -11.31 45.65
N LEU A 465 37.67 -11.73 44.50
CA LEU A 465 38.46 -11.68 43.27
C LEU A 465 38.70 -10.21 42.87
N ILE A 466 37.64 -9.40 42.92
CA ILE A 466 37.77 -8.01 42.56
C ILE A 466 38.82 -7.35 43.46
N SER A 467 38.71 -7.60 44.76
CA SER A 467 39.64 -7.03 45.73
C SER A 467 41.06 -7.36 45.30
N ILE A 468 41.28 -8.63 45.00
CA ILE A 468 42.58 -9.12 44.58
C ILE A 468 43.10 -8.52 43.27
N ARG A 469 42.24 -8.38 42.27
CA ARG A 469 42.69 -7.79 41.01
C ARG A 469 43.13 -6.36 41.27
N HIS A 470 42.36 -5.67 42.09
CA HIS A 470 42.67 -4.30 42.44
C HIS A 470 44.07 -4.17 43.08
N GLU A 471 44.49 -5.18 43.83
CA GLU A 471 45.79 -5.13 44.52
C GLU A 471 46.95 -5.73 43.74
N THR A 472 46.70 -6.28 42.55
CA THR A 472 47.75 -6.91 41.81
C THR A 472 47.84 -6.31 40.40
N PRO A 473 48.74 -5.36 40.19
CA PRO A 473 48.92 -4.71 38.87
C PRO A 473 49.00 -5.69 37.71
N ALA A 474 49.80 -6.74 37.86
CA ALA A 474 49.95 -7.72 36.78
C ALA A 474 48.61 -8.29 36.31
N LEU A 475 47.63 -8.38 37.19
CA LEU A 475 46.34 -8.95 36.83
C LEU A 475 45.47 -8.04 35.97
N SER A 476 45.81 -6.76 35.89
CA SER A 476 45.05 -5.87 35.02
C SER A 476 45.85 -5.55 33.76
N THR A 477 46.95 -4.83 33.94
CA THR A 477 47.80 -4.41 32.84
C THR A 477 49.00 -5.27 32.49
N GLY A 478 49.12 -6.43 33.12
CA GLY A 478 50.27 -7.28 32.83
C GLY A 478 50.10 -8.01 31.53
N SER A 479 51.20 -8.59 31.03
CA SER A 479 51.16 -9.37 29.80
C SER A 479 50.33 -10.65 30.05
N TYR A 480 50.01 -11.37 28.98
CA TYR A 480 49.24 -12.60 29.09
C TYR A 480 49.78 -13.71 28.21
N ARG A 481 49.88 -14.90 28.77
CA ARG A 481 50.34 -16.03 27.98
C ARG A 481 49.54 -17.29 28.32
N ASP A 482 49.03 -17.91 27.28
CA ASP A 482 48.27 -19.13 27.40
C ASP A 482 49.30 -20.26 27.47
N ILE A 483 49.32 -21.02 28.57
CA ILE A 483 50.28 -22.11 28.75
C ILE A 483 50.16 -23.21 27.71
N ASP A 484 48.92 -23.60 27.38
CA ASP A 484 48.68 -24.66 26.41
C ASP A 484 47.37 -24.47 25.66
N PRO A 485 47.42 -23.74 24.53
CA PRO A 485 46.27 -23.45 23.68
C PRO A 485 45.43 -24.67 23.24
N SER A 486 46.04 -25.85 23.18
CA SER A 486 45.30 -27.01 22.72
C SER A 486 44.65 -27.84 23.82
N ASN A 487 44.89 -27.51 25.09
CA ASN A 487 44.31 -28.26 26.19
C ASN A 487 42.80 -27.97 26.39
N ALA A 488 41.99 -29.01 26.28
CA ALA A 488 40.54 -28.89 26.39
C ALA A 488 39.94 -29.19 27.77
N ASP A 489 40.80 -29.42 28.77
CA ASP A 489 40.34 -29.74 30.13
C ASP A 489 40.59 -28.65 31.17
N VAL A 490 41.82 -28.16 31.18
CA VAL A 490 42.25 -27.16 32.14
C VAL A 490 42.83 -25.92 31.46
N TYR A 491 42.32 -24.75 31.85
CA TYR A 491 42.77 -23.48 31.29
C TYR A 491 43.81 -22.96 32.25
N ALA A 492 45.03 -22.77 31.76
CA ALA A 492 46.11 -22.28 32.62
C ALA A 492 46.89 -21.22 31.87
N TYR A 493 47.16 -20.11 32.53
CA TYR A 493 47.89 -19.02 31.90
C TYR A 493 48.56 -18.13 32.93
N THR A 494 49.50 -17.31 32.45
CA THR A 494 50.19 -16.40 33.32
C THR A 494 49.95 -14.94 32.93
N ARG A 495 50.14 -14.07 33.90
CA ARG A 495 50.03 -12.63 33.74
C ARG A 495 51.32 -12.15 34.42
N SER A 496 52.05 -11.23 33.80
CA SER A 496 53.30 -10.75 34.41
C SER A 496 53.51 -9.27 34.22
N GLN A 497 54.27 -8.70 35.15
CA GLN A 497 54.57 -7.29 35.07
C GLN A 497 55.61 -6.91 36.10
N ASP A 498 56.66 -6.23 35.63
CA ASP A 498 57.74 -5.77 36.49
C ASP A 498 58.30 -6.91 37.30
N GLY A 499 58.67 -8.00 36.60
CA GLY A 499 59.25 -9.15 37.28
C GLY A 499 58.29 -10.11 37.97
N GLU A 500 57.11 -9.63 38.33
CA GLU A 500 56.15 -10.50 39.00
C GLU A 500 55.33 -11.30 38.00
N THR A 501 55.15 -12.58 38.28
CA THR A 501 54.38 -13.43 37.41
C THR A 501 53.35 -14.21 38.23
N TYR A 502 52.13 -14.28 37.70
CA TYR A 502 51.03 -15.01 38.33
C TYR A 502 50.57 -16.11 37.41
N LEU A 503 50.01 -17.14 38.02
CA LEU A 503 49.52 -18.31 37.30
C LEU A 503 48.04 -18.54 37.62
N VAL A 504 47.23 -18.65 36.58
CA VAL A 504 45.85 -18.91 36.84
C VAL A 504 45.60 -20.30 36.30
N VAL A 505 44.94 -21.14 37.10
CA VAL A 505 44.65 -22.48 36.66
C VAL A 505 43.18 -22.72 36.96
N VAL A 506 42.44 -23.11 35.91
CA VAL A 506 41.00 -23.35 36.00
C VAL A 506 40.57 -24.64 35.32
N ASN A 507 39.99 -25.56 36.11
CA ASN A 507 39.51 -26.84 35.61
C ASN A 507 38.09 -26.67 35.04
N PHE A 508 37.94 -26.89 33.73
CA PHE A 508 36.62 -26.74 33.12
C PHE A 508 35.85 -28.04 33.05
N LYS A 509 36.38 -29.10 33.63
CA LYS A 509 35.69 -30.38 33.59
C LYS A 509 35.12 -30.69 34.97
N ALA A 510 33.99 -31.39 35.00
CA ALA A 510 33.34 -31.77 36.25
C ALA A 510 33.95 -33.08 36.78
N GLU A 511 35.26 -33.23 36.62
CA GLU A 511 35.99 -34.41 37.08
C GLU A 511 37.37 -34.00 37.58
N PRO A 512 38.00 -34.85 38.40
CA PRO A 512 39.33 -34.47 38.89
C PRO A 512 40.30 -34.41 37.72
N ARG A 513 41.19 -33.43 37.75
CA ARG A 513 42.18 -33.29 36.69
C ARG A 513 43.51 -32.91 37.30
N SER A 514 44.57 -32.99 36.49
CA SER A 514 45.90 -32.65 36.97
C SER A 514 46.55 -31.60 36.08
N PHE A 515 47.42 -30.79 36.66
CA PHE A 515 48.12 -29.78 35.89
C PHE A 515 49.58 -29.69 36.30
N THR A 516 50.46 -29.79 35.32
CA THR A 516 51.89 -29.69 35.59
C THR A 516 52.31 -28.29 35.13
N LEU A 517 53.03 -27.56 35.97
CA LEU A 517 53.48 -26.22 35.57
C LEU A 517 54.58 -26.31 34.53
N PRO A 518 54.82 -25.19 33.81
CA PRO A 518 55.88 -25.15 32.79
C PRO A 518 57.25 -25.42 33.43
N ASP A 519 58.16 -26.01 32.66
CA ASP A 519 59.50 -26.34 33.15
C ASP A 519 60.14 -25.17 33.88
N GLY A 520 60.57 -25.38 35.11
CA GLY A 520 61.23 -24.32 35.85
C GLY A 520 60.33 -23.36 36.61
N MET A 521 59.02 -23.60 36.55
CA MET A 521 58.08 -22.71 37.26
C MET A 521 57.56 -23.39 38.53
N HIS A 522 57.46 -22.62 39.62
CA HIS A 522 57.01 -23.15 40.90
C HIS A 522 56.06 -22.26 41.66
N ILE A 523 55.13 -22.88 42.38
CA ILE A 523 54.18 -22.12 43.17
C ILE A 523 54.95 -21.43 44.28
N ALA A 524 54.67 -20.15 44.47
CA ALA A 524 55.31 -19.36 45.53
C ALA A 524 54.25 -19.11 46.60
N GLU A 525 53.07 -18.71 46.15
CA GLU A 525 51.98 -18.44 47.08
C GLU A 525 50.66 -18.72 46.39
N THR A 526 49.63 -18.92 47.19
CA THR A 526 48.31 -19.16 46.65
C THR A 526 47.54 -17.93 47.09
N LEU A 527 46.94 -17.24 46.14
CA LEU A 527 46.19 -16.04 46.43
C LEU A 527 44.77 -16.39 46.74
N ILE A 528 44.23 -17.34 45.98
CA ILE A 528 42.85 -17.73 46.21
C ILE A 528 42.51 -18.98 45.38
N GLU A 529 41.50 -19.71 45.83
CA GLU A 529 41.03 -20.90 45.14
C GLU A 529 39.53 -21.08 45.41
N SER A 530 38.89 -21.83 44.53
CA SER A 530 37.47 -22.14 44.69
C SER A 530 37.36 -23.65 44.47
N SER A 531 36.50 -24.29 45.26
CA SER A 531 36.30 -25.73 45.19
C SER A 531 37.59 -26.53 45.44
N SER A 532 38.47 -26.02 46.30
CA SER A 532 39.72 -26.73 46.60
C SER A 532 39.80 -27.05 48.08
N PRO A 533 40.14 -28.31 48.41
CA PRO A 533 40.25 -28.71 49.82
C PRO A 533 41.60 -28.30 50.44
N ALA A 534 42.61 -28.04 49.60
CA ALA A 534 43.88 -27.64 50.16
C ALA A 534 44.72 -26.90 49.12
N ALA A 535 45.42 -25.87 49.56
CA ALA A 535 46.26 -25.09 48.68
C ALA A 535 47.53 -25.85 48.36
N PRO A 536 48.13 -25.57 47.20
CA PRO A 536 49.36 -26.31 46.92
C PRO A 536 50.45 -25.95 47.95
N ALA A 537 51.48 -26.77 48.00
CA ALA A 537 52.58 -26.51 48.92
C ALA A 537 53.57 -25.56 48.24
N ALA A 538 54.16 -24.65 49.01
CA ALA A 538 55.15 -23.73 48.45
C ALA A 538 56.15 -24.57 47.66
N GLY A 539 56.50 -24.11 46.47
CA GLY A 539 57.44 -24.85 45.63
C GLY A 539 56.81 -25.92 44.76
N ALA A 540 55.51 -26.15 44.93
CA ALA A 540 54.84 -27.17 44.14
C ALA A 540 55.13 -27.00 42.65
N ALA A 541 55.24 -28.13 41.95
CA ALA A 541 55.53 -28.13 40.51
C ALA A 541 54.38 -28.70 39.71
N SER A 542 53.27 -28.98 40.38
CA SER A 542 52.10 -29.51 39.70
C SER A 542 50.94 -29.27 40.63
N LEU A 543 49.73 -29.46 40.11
CA LEU A 543 48.53 -29.25 40.90
C LEU A 543 47.55 -30.37 40.70
N GLU A 544 46.83 -30.73 41.75
CA GLU A 544 45.80 -31.74 41.64
C GLU A 544 44.53 -30.91 41.74
N LEU A 545 43.63 -31.07 40.77
CA LEU A 545 42.40 -30.26 40.77
C LEU A 545 41.08 -31.00 40.92
N GLN A 546 40.22 -30.44 41.76
CA GLN A 546 38.85 -30.97 41.96
C GLN A 546 38.01 -30.54 40.75
N PRO A 547 36.81 -31.12 40.60
CA PRO A 547 35.96 -30.74 39.46
C PRO A 547 35.68 -29.23 39.56
N TRP A 548 35.87 -28.51 38.46
CA TRP A 548 35.62 -27.07 38.39
C TRP A 548 36.41 -26.21 39.34
N GLN A 549 37.58 -26.68 39.77
CA GLN A 549 38.42 -25.92 40.69
C GLN A 549 39.12 -24.79 39.96
N SER A 550 39.30 -23.68 40.64
CA SER A 550 40.02 -22.56 40.05
C SER A 550 41.02 -22.00 41.09
N GLY A 551 42.09 -21.37 40.61
CA GLY A 551 43.07 -20.78 41.50
C GLY A 551 43.98 -19.73 40.85
N ILE A 552 44.40 -18.77 41.66
CA ILE A 552 45.33 -17.74 41.19
C ILE A 552 46.54 -17.90 42.07
N TYR A 553 47.72 -18.02 41.46
CA TYR A 553 48.92 -18.21 42.26
C TYR A 553 50.03 -17.30 41.85
N LYS A 554 50.95 -17.04 42.80
CA LYS A 554 52.12 -16.23 42.51
C LYS A 554 53.17 -17.29 42.37
N VAL A 555 53.87 -17.27 41.25
CA VAL A 555 54.88 -18.27 41.02
C VAL A 555 56.29 -17.70 41.12
N LYS A 556 57.25 -18.61 41.10
CA LYS A 556 58.66 -18.23 41.16
C LYS A 556 59.43 -19.01 40.10
N PRO B 1 -34.77 34.74 -37.76
CA PRO B 1 -33.42 34.14 -37.59
C PRO B 1 -33.47 32.61 -37.65
N GLY B 2 -32.56 32.02 -38.43
CA GLY B 2 -32.53 30.57 -38.59
C GLY B 2 -32.05 29.73 -37.40
N ALA B 3 -32.56 28.51 -37.32
CA ALA B 3 -32.19 27.58 -36.27
C ALA B 3 -30.94 26.80 -36.73
N PRO B 4 -30.09 26.38 -35.78
CA PRO B 4 -28.88 25.63 -36.10
C PRO B 4 -29.13 24.36 -36.90
N TRP B 5 -28.13 23.95 -37.66
CA TRP B 5 -28.25 22.75 -38.47
C TRP B 5 -28.63 21.54 -37.62
N TRP B 6 -28.08 21.47 -36.41
CA TRP B 6 -28.35 20.34 -35.54
C TRP B 6 -29.80 20.21 -35.06
N LYS B 7 -30.58 21.28 -35.10
CA LYS B 7 -31.96 21.16 -34.69
C LYS B 7 -32.82 20.49 -35.76
N SER B 8 -32.39 20.58 -37.02
CA SER B 8 -33.18 19.97 -38.10
C SER B 8 -32.45 18.77 -38.68
N ALA B 9 -31.39 18.33 -38.02
CA ALA B 9 -30.64 17.19 -38.51
C ALA B 9 -31.15 15.84 -38.00
N VAL B 10 -30.90 14.80 -38.80
CA VAL B 10 -31.26 13.44 -38.41
C VAL B 10 -29.92 12.75 -38.18
N PHE B 11 -29.69 12.29 -36.95
CA PHE B 11 -28.46 11.60 -36.60
C PHE B 11 -28.61 10.09 -36.63
N TYR B 12 -27.48 9.41 -36.71
CA TYR B 12 -27.45 7.97 -36.72
C TYR B 12 -26.31 7.58 -35.76
N GLN B 13 -26.60 6.73 -34.81
CA GLN B 13 -25.58 6.31 -33.86
C GLN B 13 -24.89 5.02 -34.30
N VAL B 14 -23.57 5.10 -34.43
CA VAL B 14 -22.78 3.95 -34.82
C VAL B 14 -21.94 3.48 -33.63
N TYR B 15 -22.09 2.20 -33.27
CA TYR B 15 -21.34 1.56 -32.18
C TYR B 15 -20.33 0.81 -33.06
N PRO B 16 -19.16 1.42 -33.28
CA PRO B 16 -18.14 0.82 -34.14
C PRO B 16 -17.82 -0.64 -33.88
N ARG B 17 -17.73 -1.00 -32.60
CA ARG B 17 -17.42 -2.37 -32.25
C ARG B 17 -18.31 -3.38 -32.97
N SER B 18 -19.59 -3.06 -33.13
CA SER B 18 -20.51 -4.00 -33.78
C SER B 18 -21.13 -3.54 -35.09
N PHE B 19 -20.46 -2.65 -35.82
CA PHE B 19 -21.04 -2.16 -37.08
C PHE B 19 -20.52 -2.92 -38.33
N LYS B 20 -19.21 -2.87 -38.58
CA LYS B 20 -18.64 -3.57 -39.74
C LYS B 20 -17.15 -3.87 -39.56
N ASP B 21 -16.81 -5.17 -39.54
CA ASP B 21 -15.43 -5.65 -39.40
C ASP B 21 -14.91 -5.81 -40.82
N THR B 22 -13.68 -5.38 -41.05
CA THR B 22 -13.07 -5.48 -42.37
C THR B 22 -11.78 -6.27 -42.34
N ASN B 23 -11.36 -6.76 -41.18
CA ASN B 23 -10.12 -7.51 -41.12
C ASN B 23 -10.23 -8.90 -40.44
N GLY B 24 -11.45 -9.34 -40.18
CA GLY B 24 -11.66 -10.65 -39.61
C GLY B 24 -11.35 -10.94 -38.16
N ASP B 25 -11.07 -9.93 -37.35
CA ASP B 25 -10.80 -10.23 -35.96
C ASP B 25 -12.12 -10.30 -35.19
N GLY B 26 -13.23 -10.11 -35.89
CA GLY B 26 -14.53 -10.17 -35.23
C GLY B 26 -14.99 -8.86 -34.60
N ILE B 27 -14.19 -7.80 -34.73
CA ILE B 27 -14.57 -6.50 -34.15
C ILE B 27 -14.76 -5.46 -35.25
N GLY B 28 -15.78 -4.62 -35.09
CA GLY B 28 -16.03 -3.59 -36.10
C GLY B 28 -14.90 -2.58 -36.09
N ASP B 29 -14.70 -1.89 -37.20
CA ASP B 29 -13.63 -0.92 -37.27
C ASP B 29 -13.95 0.25 -38.17
N PHE B 30 -13.02 1.20 -38.21
CA PHE B 30 -13.12 2.41 -39.02
C PHE B 30 -13.30 2.15 -40.51
N LYS B 31 -12.49 1.24 -41.05
CA LYS B 31 -12.59 0.95 -42.48
C LYS B 31 -14.01 0.47 -42.79
N GLY B 32 -14.58 -0.33 -41.89
CA GLY B 32 -15.93 -0.80 -42.11
C GLY B 32 -16.94 0.33 -42.12
N LEU B 33 -16.80 1.27 -41.18
CA LEU B 33 -17.72 2.38 -41.13
C LEU B 33 -17.60 3.20 -42.40
N THR B 34 -16.36 3.57 -42.71
CA THR B 34 -16.05 4.38 -43.89
C THR B 34 -16.66 3.73 -45.13
N GLU B 35 -16.55 2.41 -45.21
CA GLU B 35 -17.10 1.62 -46.31
C GLU B 35 -18.61 1.71 -46.44
N LYS B 36 -19.28 2.02 -45.35
CA LYS B 36 -20.72 2.06 -45.36
C LYS B 36 -21.31 3.46 -45.35
N LEU B 37 -20.49 4.47 -45.62
CA LEU B 37 -20.99 5.83 -45.61
C LEU B 37 -22.06 6.05 -46.67
N ASP B 38 -21.88 5.43 -47.83
CA ASP B 38 -22.88 5.58 -48.90
C ASP B 38 -24.21 5.00 -48.45
N TYR B 39 -24.14 3.98 -47.61
CA TYR B 39 -25.35 3.35 -47.12
C TYR B 39 -26.06 4.32 -46.20
N LEU B 40 -25.34 4.91 -45.25
CA LEU B 40 -25.92 5.88 -44.34
C LEU B 40 -26.42 7.12 -45.08
N LYS B 41 -25.66 7.57 -46.08
CA LYS B 41 -26.07 8.74 -46.90
C LYS B 41 -27.36 8.40 -47.64
N GLY B 42 -27.42 7.23 -48.27
CA GLY B 42 -28.62 6.81 -48.98
C GLY B 42 -29.88 6.80 -48.09
N LEU B 43 -29.69 6.50 -46.81
CA LEU B 43 -30.80 6.49 -45.86
C LEU B 43 -31.27 7.93 -45.59
N GLY B 44 -30.37 8.90 -45.73
CA GLY B 44 -30.71 10.30 -45.48
C GLY B 44 -30.06 10.88 -44.22
N ILE B 45 -29.10 10.15 -43.67
CA ILE B 45 -28.42 10.61 -42.45
C ILE B 45 -27.55 11.85 -42.65
N ASP B 46 -27.79 12.87 -41.83
CA ASP B 46 -27.04 14.12 -41.88
C ASP B 46 -25.79 14.04 -41.03
N ALA B 47 -25.88 13.34 -39.90
CA ALA B 47 -24.72 13.28 -39.00
C ALA B 47 -24.64 11.98 -38.25
N ILE B 48 -23.43 11.63 -37.84
CA ILE B 48 -23.20 10.41 -37.11
C ILE B 48 -22.56 10.61 -35.74
N TRP B 49 -23.10 9.91 -34.75
CA TRP B 49 -22.49 9.96 -33.43
C TRP B 49 -21.84 8.60 -33.31
N ILE B 50 -20.55 8.57 -33.04
CA ILE B 50 -19.84 7.30 -32.85
C ILE B 50 -19.46 7.19 -31.39
N ASN B 51 -19.62 5.98 -30.85
CA ASN B 51 -19.27 5.74 -29.46
C ASN B 51 -17.73 5.84 -29.35
N PRO B 52 -17.18 5.91 -28.12
CA PRO B 52 -15.74 6.02 -27.88
C PRO B 52 -14.85 5.27 -28.86
N HIS B 53 -13.87 5.99 -29.43
CA HIS B 53 -12.94 5.45 -30.42
C HIS B 53 -11.48 5.66 -30.04
N TYR B 54 -11.22 5.89 -28.76
CA TYR B 54 -9.87 6.14 -28.29
C TYR B 54 -9.21 4.91 -27.69
N ALA B 55 -7.89 4.97 -27.51
CA ALA B 55 -7.13 3.86 -26.91
C ALA B 55 -7.89 3.39 -25.66
N SER B 56 -8.01 2.08 -25.51
CA SER B 56 -8.75 1.55 -24.39
C SER B 56 -8.61 0.06 -24.13
N PRO B 57 -8.51 -0.34 -22.85
CA PRO B 57 -8.39 -1.77 -22.50
C PRO B 57 -9.74 -2.45 -22.81
N ASN B 58 -10.79 -1.64 -22.98
CA ASN B 58 -12.14 -2.14 -23.26
C ASN B 58 -12.84 -2.94 -22.15
N THR B 59 -12.62 -2.60 -20.89
CA THR B 59 -13.30 -3.32 -19.82
C THR B 59 -14.76 -2.87 -19.89
N ASP B 60 -14.98 -1.75 -20.59
CA ASP B 60 -16.31 -1.18 -20.77
C ASP B 60 -16.45 -0.66 -22.22
N ASN B 61 -15.97 -1.47 -23.16
CA ASN B 61 -16.00 -1.18 -24.59
C ASN B 61 -15.84 0.28 -25.00
N GLY B 62 -14.63 0.80 -24.78
CA GLY B 62 -14.32 2.17 -25.15
C GLY B 62 -14.50 3.20 -24.06
N TYR B 63 -15.41 2.98 -23.12
CA TYR B 63 -15.62 3.96 -22.06
C TYR B 63 -14.56 4.00 -20.94
N ASP B 64 -13.49 3.22 -21.11
CA ASP B 64 -12.35 3.21 -20.19
C ASP B 64 -11.11 3.55 -21.05
N ILE B 65 -10.89 4.85 -21.22
CA ILE B 65 -9.82 5.35 -22.09
C ILE B 65 -8.46 5.45 -21.44
N SER B 66 -7.45 4.92 -22.12
CA SER B 66 -6.09 4.96 -21.61
C SER B 66 -5.22 6.02 -22.29
N ASP B 67 -5.74 6.64 -23.35
CA ASP B 67 -5.01 7.71 -24.03
C ASP B 67 -6.02 8.45 -24.88
N TYR B 68 -6.31 9.68 -24.49
CA TYR B 68 -7.27 10.51 -25.19
C TYR B 68 -6.84 11.02 -26.56
N ARG B 69 -5.57 10.86 -26.89
CA ARG B 69 -5.13 11.33 -28.18
C ARG B 69 -4.73 10.25 -29.15
N GLU B 70 -5.09 9.01 -28.84
CA GLU B 70 -4.78 7.92 -29.75
C GLU B 70 -6.07 7.15 -30.02
N VAL B 71 -6.17 6.66 -31.24
CA VAL B 71 -7.32 5.88 -31.67
C VAL B 71 -7.27 4.47 -31.09
N MET B 72 -8.44 3.87 -30.84
CA MET B 72 -8.47 2.51 -30.30
C MET B 72 -7.84 1.57 -31.33
N LYS B 73 -6.86 0.77 -30.88
CA LYS B 73 -6.19 -0.18 -31.77
C LYS B 73 -7.16 -0.97 -32.62
N GLU B 74 -8.17 -1.57 -31.98
CA GLU B 74 -9.15 -2.38 -32.69
C GLU B 74 -9.85 -1.62 -33.81
N TYR B 75 -10.04 -0.30 -33.65
CA TYR B 75 -10.74 0.42 -34.70
C TYR B 75 -9.89 0.81 -35.90
N GLY B 76 -8.58 0.92 -35.69
CA GLY B 76 -7.68 1.26 -36.77
C GLY B 76 -6.56 2.19 -36.34
N THR B 77 -6.22 3.16 -37.19
CA THR B 77 -5.17 4.10 -36.88
C THR B 77 -5.69 5.54 -36.99
N MET B 78 -4.88 6.49 -36.56
CA MET B 78 -5.25 7.89 -36.65
C MET B 78 -5.50 8.17 -38.14
N GLU B 79 -4.79 7.45 -38.99
CA GLU B 79 -4.95 7.62 -40.44
C GLU B 79 -6.35 7.21 -40.86
N ASP B 80 -6.83 6.08 -40.36
CA ASP B 80 -8.18 5.65 -40.74
C ASP B 80 -9.20 6.66 -40.21
N PHE B 81 -8.96 7.19 -39.02
CA PHE B 81 -9.87 8.17 -38.46
C PHE B 81 -9.93 9.39 -39.37
N ASP B 82 -8.76 9.91 -39.72
CA ASP B 82 -8.72 11.06 -40.59
C ASP B 82 -9.46 10.78 -41.89
N ARG B 83 -9.27 9.56 -42.40
CA ARG B 83 -9.92 9.16 -43.64
C ARG B 83 -11.44 9.15 -43.48
N LEU B 84 -11.92 8.59 -42.36
CA LEU B 84 -13.35 8.57 -42.10
C LEU B 84 -13.88 10.00 -42.16
N MET B 85 -13.12 10.93 -41.57
CA MET B 85 -13.49 12.35 -41.54
C MET B 85 -13.59 12.95 -42.92
N ALA B 86 -12.59 12.68 -43.75
CA ALA B 86 -12.57 13.21 -45.09
C ALA B 86 -13.73 12.67 -45.94
N GLU B 87 -13.99 11.37 -45.85
CA GLU B 87 -15.07 10.76 -46.62
C GLU B 87 -16.45 11.23 -46.15
N LEU B 88 -16.54 11.58 -44.88
CA LEU B 88 -17.79 12.06 -44.33
C LEU B 88 -18.04 13.44 -44.95
N LYS B 89 -16.98 14.25 -44.97
CA LYS B 89 -17.06 15.60 -45.51
C LYS B 89 -17.42 15.59 -47.00
N LYS B 90 -16.82 14.68 -47.75
CA LYS B 90 -17.10 14.60 -49.18
C LYS B 90 -18.59 14.42 -49.41
N ARG B 91 -19.26 13.78 -48.47
CA ARG B 91 -20.69 13.53 -48.58
C ARG B 91 -21.50 14.55 -47.81
N GLY B 92 -20.85 15.63 -47.39
CA GLY B 92 -21.52 16.68 -46.64
C GLY B 92 -22.10 16.18 -45.33
N MET B 93 -21.47 15.16 -44.73
CA MET B 93 -21.99 14.63 -43.47
C MET B 93 -21.16 15.13 -42.32
N ARG B 94 -21.71 15.09 -41.10
CA ARG B 94 -20.95 15.58 -39.95
C ARG B 94 -20.67 14.50 -38.89
N LEU B 95 -19.59 14.67 -38.15
N LEU B 95 -19.58 14.67 -38.15
CA LEU B 95 -19.20 13.69 -37.15
CA LEU B 95 -19.25 13.68 -37.15
C LEU B 95 -19.35 14.18 -35.71
C LEU B 95 -19.36 14.19 -35.72
N MET B 96 -19.96 13.37 -34.87
CA MET B 96 -20.09 13.69 -33.45
C MET B 96 -19.34 12.56 -32.73
N VAL B 97 -18.39 12.93 -31.88
CA VAL B 97 -17.65 11.93 -31.12
C VAL B 97 -18.09 11.93 -29.65
N ASP B 98 -17.81 10.82 -28.96
CA ASP B 98 -18.17 10.70 -27.57
C ASP B 98 -16.99 11.19 -26.72
N VAL B 99 -17.29 11.95 -25.67
CA VAL B 99 -16.24 12.45 -24.78
C VAL B 99 -16.50 11.91 -23.36
N VAL B 100 -15.56 11.09 -22.89
CA VAL B 100 -15.64 10.42 -21.58
C VAL B 100 -14.63 10.98 -20.60
N ILE B 101 -15.01 12.03 -19.88
CA ILE B 101 -14.09 12.65 -18.93
C ILE B 101 -14.58 12.73 -17.48
N ASN B 102 -15.49 11.84 -17.11
CA ASN B 102 -15.92 11.77 -15.73
C ASN B 102 -14.88 10.84 -15.07
N HIS B 103 -14.32 9.94 -15.89
CA HIS B 103 -13.34 8.95 -15.44
C HIS B 103 -12.47 8.53 -16.62
N SER B 104 -11.30 7.96 -16.31
CA SER B 104 -10.37 7.48 -17.33
C SER B 104 -10.15 6.01 -17.05
N SER B 105 -9.33 5.38 -17.87
CA SER B 105 -9.01 3.97 -17.63
C SER B 105 -7.99 3.96 -16.49
N ASP B 106 -7.80 2.81 -15.85
CA ASP B 106 -6.81 2.75 -14.79
C ASP B 106 -5.44 2.50 -15.44
N GLN B 107 -5.45 2.33 -16.75
CA GLN B 107 -4.21 2.12 -17.51
C GLN B 107 -3.71 3.45 -18.13
N HIS B 108 -4.41 4.55 -17.87
CA HIS B 108 -4.00 5.86 -18.39
C HIS B 108 -2.76 6.28 -17.59
N GLU B 109 -1.75 6.83 -18.26
CA GLU B 109 -0.54 7.26 -17.58
C GLU B 109 -0.81 8.16 -16.38
N TRP B 110 -1.81 9.03 -16.46
CA TRP B 110 -2.09 9.90 -15.32
C TRP B 110 -2.36 9.08 -14.09
N PHE B 111 -3.04 7.96 -14.26
CA PHE B 111 -3.37 7.12 -13.12
C PHE B 111 -2.18 6.28 -12.63
N LYS B 112 -1.39 5.73 -13.55
CA LYS B 112 -0.23 4.96 -13.13
C LYS B 112 0.66 5.87 -12.29
N SER B 113 0.76 7.14 -12.66
CA SER B 113 1.57 8.09 -11.91
C SER B 113 0.88 8.37 -10.58
N SER B 114 -0.37 8.77 -10.68
CA SER B 114 -1.19 9.10 -9.52
C SER B 114 -1.12 8.10 -8.36
N ARG B 115 -1.20 6.81 -8.69
CA ARG B 115 -1.21 5.76 -7.67
C ARG B 115 0.13 5.40 -7.06
N ALA B 116 1.21 5.81 -7.72
CA ALA B 116 2.56 5.47 -7.27
C ALA B 116 2.90 5.91 -5.85
N SER B 117 2.49 7.13 -5.47
CA SER B 117 2.77 7.64 -4.12
C SER B 117 1.82 8.77 -3.76
N LYS B 118 1.76 9.09 -2.47
CA LYS B 118 0.89 10.18 -2.03
C LYS B 118 1.40 11.54 -2.48
N ASP B 119 2.71 11.66 -2.69
CA ASP B 119 3.31 12.93 -3.13
C ASP B 119 3.53 13.04 -4.62
N ASN B 120 2.93 12.13 -5.38
CA ASN B 120 3.07 12.17 -6.84
C ASN B 120 2.35 13.44 -7.31
N PRO B 121 2.88 14.14 -8.33
CA PRO B 121 2.19 15.36 -8.80
C PRO B 121 0.84 15.12 -9.49
N TYR B 122 0.54 13.85 -9.80
CA TYR B 122 -0.74 13.51 -10.42
C TYR B 122 -1.69 12.89 -9.39
N ARG B 123 -1.31 12.94 -8.12
CA ARG B 123 -2.11 12.33 -7.08
C ARG B 123 -3.52 12.85 -7.11
N ASP B 124 -3.66 14.16 -7.31
CA ASP B 124 -4.99 14.73 -7.34
C ASP B 124 -5.68 14.82 -8.70
N TYR B 125 -5.20 14.02 -9.66
CA TYR B 125 -5.88 13.94 -10.95
C TYR B 125 -7.05 12.98 -10.70
N TYR B 126 -7.02 12.31 -9.56
CA TYR B 126 -8.08 11.37 -9.15
C TYR B 126 -8.44 11.60 -7.67
N PHE B 127 -9.36 10.80 -7.13
CA PHE B 127 -9.77 10.92 -5.72
C PHE B 127 -9.22 9.80 -4.83
N TRP B 128 -8.35 10.16 -3.90
CA TRP B 128 -7.75 9.21 -2.96
C TRP B 128 -8.15 9.57 -1.53
N ARG B 129 -8.58 8.57 -0.76
CA ARG B 129 -9.03 8.80 0.61
C ARG B 129 -8.76 7.61 1.48
N ASP B 130 -8.56 7.86 2.77
CA ASP B 130 -8.32 6.79 3.73
C ASP B 130 -9.63 6.08 4.01
N GLY B 131 -9.56 4.79 4.28
CA GLY B 131 -10.76 4.04 4.59
C GLY B 131 -11.20 4.43 5.98
N LYS B 132 -12.33 3.88 6.42
CA LYS B 132 -12.84 4.19 7.75
C LYS B 132 -13.31 2.90 8.39
N ASP B 133 -13.12 2.80 9.70
CA ASP B 133 -13.54 1.62 10.47
C ASP B 133 -13.09 0.32 9.81
N GLY B 134 -11.87 0.31 9.28
CA GLY B 134 -11.38 -0.89 8.61
C GLY B 134 -12.14 -1.18 7.33
N HIS B 135 -12.97 -0.22 6.92
CA HIS B 135 -13.79 -0.36 5.72
C HIS B 135 -13.47 0.79 4.74
N GLU B 136 -14.31 0.97 3.70
CA GLU B 136 -14.11 2.03 2.70
C GLU B 136 -14.35 3.43 3.28
N PRO B 137 -14.00 4.47 2.52
CA PRO B 137 -14.22 5.83 3.03
C PRO B 137 -15.69 6.09 3.36
N ASN B 138 -16.59 5.56 2.56
CA ASN B 138 -18.00 5.78 2.85
C ASN B 138 -18.86 4.71 2.17
N ASN B 139 -20.19 4.84 2.24
CA ASN B 139 -21.05 3.82 1.67
C ASN B 139 -21.36 3.89 0.16
N TYR B 140 -20.53 4.56 -0.62
CA TYR B 140 -20.77 4.68 -2.07
C TYR B 140 -20.78 3.36 -2.82
N PRO B 141 -21.87 3.07 -3.54
CA PRO B 141 -21.90 1.82 -4.30
C PRO B 141 -21.54 2.15 -5.74
N SER B 142 -21.01 1.18 -6.46
CA SER B 142 -20.65 1.38 -7.85
C SER B 142 -21.68 0.78 -8.78
N PHE B 143 -21.91 1.45 -9.90
CA PHE B 143 -22.88 1.00 -10.89
C PHE B 143 -22.50 -0.37 -11.41
N PHE B 144 -21.21 -0.68 -11.43
CA PHE B 144 -20.79 -1.98 -11.94
C PHE B 144 -20.45 -3.06 -10.94
N GLY B 145 -20.94 -2.89 -9.72
CA GLY B 145 -20.71 -3.89 -8.69
C GLY B 145 -19.89 -3.46 -7.49
N GLY B 146 -20.40 -3.80 -6.31
CA GLY B 146 -19.72 -3.49 -5.07
C GLY B 146 -19.54 -2.02 -4.76
N SER B 147 -18.52 -1.74 -3.93
CA SER B 147 -18.20 -0.39 -3.50
C SER B 147 -17.60 0.45 -4.61
N ALA B 148 -17.80 1.76 -4.54
CA ALA B 148 -17.24 2.66 -5.52
C ALA B 148 -15.82 3.02 -5.06
N TRP B 149 -15.35 2.35 -4.01
CA TRP B 149 -13.99 2.61 -3.52
C TRP B 149 -13.14 1.36 -3.61
N GLU B 150 -11.95 1.50 -4.18
CA GLU B 150 -11.03 0.38 -4.35
C GLU B 150 -9.69 0.66 -3.65
N LYS B 151 -9.32 -0.16 -2.66
CA LYS B 151 -8.07 0.07 -1.96
C LYS B 151 -6.90 -0.30 -2.85
N ASP B 152 -5.83 0.49 -2.78
CA ASP B 152 -4.63 0.25 -3.58
C ASP B 152 -3.47 0.06 -2.61
N PRO B 153 -2.92 -1.16 -2.56
CA PRO B 153 -1.80 -1.58 -1.70
C PRO B 153 -0.61 -0.63 -1.78
N VAL B 154 -0.31 -0.16 -2.98
CA VAL B 154 0.80 0.77 -3.13
C VAL B 154 0.80 1.90 -2.09
N THR B 155 -0.38 2.35 -1.68
CA THR B 155 -0.45 3.44 -0.69
C THR B 155 -1.38 3.23 0.49
N GLY B 156 -2.22 2.20 0.44
CA GLY B 156 -3.12 1.96 1.55
C GLY B 156 -4.37 2.82 1.46
N GLN B 157 -4.45 3.68 0.46
CA GLN B 157 -5.64 4.50 0.29
C GLN B 157 -6.55 3.92 -0.79
N TYR B 158 -7.81 4.34 -0.79
CA TYR B 158 -8.80 3.89 -1.77
C TYR B 158 -9.05 4.98 -2.81
N TYR B 159 -9.29 4.56 -4.05
CA TYR B 159 -9.59 5.53 -5.08
C TYR B 159 -11.06 5.37 -5.44
N LEU B 160 -11.65 6.43 -5.94
CA LEU B 160 -13.06 6.44 -6.29
C LEU B 160 -13.35 6.03 -7.73
N HIS B 161 -14.40 5.24 -7.91
CA HIS B 161 -14.84 4.86 -9.26
C HIS B 161 -16.33 4.63 -9.24
N TYR B 162 -17.09 5.58 -9.79
CA TYR B 162 -18.55 5.42 -9.84
C TYR B 162 -18.86 4.21 -10.74
N PHE B 163 -18.10 4.05 -11.81
CA PHE B 163 -18.38 2.93 -12.67
C PHE B 163 -17.41 1.78 -12.39
N GLY B 164 -16.86 1.15 -13.40
CA GLY B 164 -15.97 0.03 -13.15
C GLY B 164 -14.76 0.29 -12.25
N ARG B 165 -14.28 -0.78 -11.63
CA ARG B 165 -13.10 -0.70 -10.77
C ARG B 165 -11.94 -0.19 -11.63
N GLN B 166 -11.98 -0.47 -12.93
CA GLN B 166 -10.92 -0.01 -13.81
C GLN B 166 -11.23 1.29 -14.52
N GLN B 167 -12.17 2.04 -13.94
CA GLN B 167 -12.55 3.34 -14.45
C GLN B 167 -12.53 4.38 -13.32
N PRO B 168 -11.33 4.72 -12.85
CA PRO B 168 -11.17 5.71 -11.77
C PRO B 168 -11.63 7.12 -12.19
N ASP B 169 -12.51 7.70 -11.39
CA ASP B 169 -13.07 9.04 -11.63
C ASP B 169 -12.03 10.16 -11.60
N LEU B 170 -12.05 11.00 -12.62
CA LEU B 170 -11.13 12.15 -12.70
C LEU B 170 -11.53 13.24 -11.68
N ASN B 171 -10.54 13.94 -11.14
CA ASN B 171 -10.78 14.97 -10.11
C ASN B 171 -10.90 16.36 -10.70
N TRP B 172 -12.13 16.74 -11.04
CA TRP B 172 -12.42 18.04 -11.64
C TRP B 172 -12.16 19.25 -10.71
N ASP B 173 -11.99 19.01 -9.42
CA ASP B 173 -11.69 20.12 -8.51
C ASP B 173 -10.24 20.57 -8.68
N THR B 174 -9.48 19.81 -9.44
CA THR B 174 -8.09 20.16 -9.65
C THR B 174 -7.92 20.94 -10.95
N PRO B 175 -7.66 22.24 -10.86
CA PRO B 175 -7.49 23.09 -12.04
C PRO B 175 -6.57 22.54 -13.13
N LYS B 176 -5.40 22.03 -12.75
CA LYS B 176 -4.47 21.51 -13.75
C LYS B 176 -5.10 20.41 -14.59
N LEU B 177 -5.90 19.57 -13.94
CA LEU B 177 -6.59 18.48 -14.62
C LEU B 177 -7.61 19.08 -15.59
N ARG B 178 -8.47 19.98 -15.07
CA ARG B 178 -9.46 20.63 -15.93
C ARG B 178 -8.79 21.24 -17.18
N GLU B 179 -7.64 21.87 -17.00
CA GLU B 179 -6.95 22.50 -18.12
C GLU B 179 -6.40 21.45 -19.06
N GLU B 180 -6.09 20.29 -18.51
CA GLU B 180 -5.56 19.22 -19.34
C GLU B 180 -6.70 18.63 -20.19
N LEU B 181 -7.90 18.55 -19.62
CA LEU B 181 -9.03 18.03 -20.37
C LEU B 181 -9.39 18.99 -21.52
N TYR B 182 -9.29 20.28 -21.24
CA TYR B 182 -9.60 21.28 -22.23
C TYR B 182 -8.64 21.17 -23.41
N ALA B 183 -7.33 21.02 -23.13
CA ALA B 183 -6.35 20.88 -24.20
C ALA B 183 -6.67 19.63 -25.01
N MET B 184 -7.16 18.62 -24.32
CA MET B 184 -7.53 17.39 -24.98
C MET B 184 -8.70 17.65 -25.93
N LEU B 185 -9.70 18.41 -25.51
CA LEU B 185 -10.79 18.66 -26.43
C LEU B 185 -10.33 19.46 -27.67
N ARG B 186 -9.56 20.51 -27.45
CA ARG B 186 -9.13 21.28 -28.61
C ARG B 186 -8.40 20.38 -29.63
N PHE B 187 -7.69 19.38 -29.13
CA PHE B 187 -6.98 18.48 -30.02
C PHE B 187 -7.97 17.91 -31.01
N TRP B 188 -9.09 17.40 -30.51
CA TRP B 188 -10.06 16.81 -31.42
C TRP B 188 -10.85 17.87 -32.23
N LEU B 189 -11.17 19.00 -31.61
CA LEU B 189 -11.90 20.02 -32.30
C LEU B 189 -11.05 20.59 -33.44
N ASP B 190 -9.76 20.71 -33.19
CA ASP B 190 -8.87 21.22 -34.21
C ASP B 190 -8.82 20.29 -35.41
N LYS B 191 -9.18 19.03 -35.22
CA LYS B 191 -9.19 18.08 -36.32
C LYS B 191 -10.49 18.24 -37.12
N GLY B 192 -11.39 19.09 -36.62
CA GLY B 192 -12.62 19.34 -37.32
C GLY B 192 -13.90 18.62 -36.89
N VAL B 193 -13.89 17.94 -35.75
CA VAL B 193 -15.12 17.27 -35.35
C VAL B 193 -16.25 18.29 -35.25
N SER B 194 -17.45 17.92 -35.67
CA SER B 194 -18.58 18.83 -35.64
C SER B 194 -19.38 18.78 -34.36
N GLY B 195 -19.22 17.72 -33.57
CA GLY B 195 -19.99 17.66 -32.35
C GLY B 195 -19.36 16.79 -31.30
N MET B 196 -19.63 17.11 -30.03
CA MET B 196 -19.13 16.36 -28.91
C MET B 196 -20.27 16.05 -27.94
N ARG B 197 -20.37 14.78 -27.59
CA ARG B 197 -21.39 14.29 -26.68
C ARG B 197 -20.68 13.90 -25.38
N PHE B 198 -21.19 14.36 -24.24
CA PHE B 198 -20.52 14.05 -22.98
C PHE B 198 -21.11 12.96 -22.11
N ASP B 199 -20.35 11.87 -22.01
CA ASP B 199 -20.70 10.72 -21.21
C ASP B 199 -20.91 11.10 -19.72
N THR B 200 -22.05 10.70 -19.13
CA THR B 200 -22.42 11.02 -17.74
C THR B 200 -21.87 12.39 -17.31
N VAL B 201 -22.30 13.42 -18.04
CA VAL B 201 -21.83 14.78 -17.79
C VAL B 201 -22.23 15.34 -16.42
N ALA B 202 -23.30 14.80 -15.82
CA ALA B 202 -23.77 15.30 -14.55
C ALA B 202 -23.04 14.82 -13.30
N THR B 203 -22.13 13.87 -13.46
CA THR B 203 -21.40 13.37 -12.29
C THR B 203 -20.01 13.96 -12.04
N TYR B 204 -19.59 14.89 -12.90
CA TYR B 204 -18.27 15.52 -12.79
C TYR B 204 -17.92 16.11 -11.43
N SER B 205 -18.86 16.77 -10.78
CA SER B 205 -18.54 17.35 -9.49
C SER B 205 -18.87 16.39 -8.36
N LYS B 206 -17.90 16.19 -7.48
CA LYS B 206 -18.03 15.31 -6.32
C LYS B 206 -18.39 16.12 -5.06
N THR B 207 -19.09 15.50 -4.11
CA THR B 207 -19.46 16.15 -2.85
C THR B 207 -18.26 16.28 -1.90
N PRO B 208 -17.91 17.50 -1.53
CA PRO B 208 -16.76 17.66 -0.62
C PRO B 208 -16.95 16.94 0.74
N GLY B 209 -15.95 16.16 1.15
CA GLY B 209 -16.04 15.45 2.42
C GLY B 209 -16.50 14.01 2.26
N PHE B 210 -17.16 13.73 1.14
CA PHE B 210 -17.64 12.39 0.85
C PHE B 210 -18.40 11.78 2.00
N PRO B 211 -19.36 12.52 2.57
CA PRO B 211 -20.12 11.92 3.68
C PRO B 211 -20.96 10.78 3.15
N ASP B 212 -21.40 9.89 4.03
CA ASP B 212 -22.21 8.76 3.60
C ASP B 212 -23.54 9.18 3.00
N LEU B 213 -24.01 8.39 2.06
CA LEU B 213 -25.31 8.66 1.50
C LEU B 213 -26.28 8.18 2.58
N THR B 214 -27.37 8.90 2.75
CA THR B 214 -28.36 8.52 3.73
C THR B 214 -29.14 7.31 3.19
N PRO B 215 -29.88 6.64 4.07
CA PRO B 215 -30.66 5.49 3.61
C PRO B 215 -31.55 5.86 2.41
N GLU B 216 -32.21 7.02 2.46
CA GLU B 216 -33.08 7.39 1.34
C GLU B 216 -32.24 7.60 0.07
N GLN B 217 -31.17 8.37 0.20
CA GLN B 217 -30.30 8.63 -0.94
C GLN B 217 -29.75 7.34 -1.51
N MET B 218 -29.44 6.39 -0.63
CA MET B 218 -28.90 5.11 -1.07
C MET B 218 -29.88 4.40 -2.02
N LYS B 219 -31.18 4.62 -1.83
CA LYS B 219 -32.20 4.00 -2.68
C LYS B 219 -32.13 4.41 -4.16
N ASN B 220 -31.46 5.52 -4.44
CA ASN B 220 -31.29 5.97 -5.81
C ASN B 220 -30.02 6.81 -5.81
N PHE B 221 -28.93 6.16 -5.45
CA PHE B 221 -27.66 6.84 -5.36
C PHE B 221 -27.27 7.63 -6.60
N ALA B 222 -27.74 7.18 -7.76
CA ALA B 222 -27.39 7.90 -8.98
C ALA B 222 -27.70 9.37 -8.88
N GLU B 223 -28.83 9.69 -8.25
CA GLU B 223 -29.25 11.08 -8.15
C GLU B 223 -28.28 11.91 -7.32
N ALA B 224 -27.81 11.34 -6.21
CA ALA B 224 -26.87 12.04 -5.35
C ALA B 224 -25.55 12.31 -6.06
N TYR B 225 -25.14 11.41 -6.96
CA TYR B 225 -23.88 11.63 -7.66
C TYR B 225 -23.96 12.79 -8.68
N THR B 226 -25.18 13.29 -8.92
CA THR B 226 -25.34 14.39 -9.88
C THR B 226 -25.52 15.72 -9.17
N GLN B 227 -25.35 15.70 -7.84
CA GLN B 227 -25.52 16.90 -7.02
C GLN B 227 -24.24 17.61 -6.63
N GLY B 228 -23.14 17.34 -7.33
CA GLY B 228 -21.89 18.03 -7.01
C GLY B 228 -22.18 19.52 -6.93
N PRO B 229 -21.65 20.23 -5.93
CA PRO B 229 -21.94 21.66 -5.85
C PRO B 229 -21.23 22.55 -6.88
N ASN B 230 -20.22 22.04 -7.59
CA ASN B 230 -19.53 22.86 -8.59
C ASN B 230 -19.83 22.48 -10.03
N LEU B 231 -20.78 21.56 -10.24
CA LEU B 231 -21.09 21.08 -11.58
C LEU B 231 -21.26 22.12 -12.67
N HIS B 232 -22.23 23.00 -12.51
CA HIS B 232 -22.49 24.00 -13.55
C HIS B 232 -21.38 25.00 -13.70
N ARG B 233 -20.70 25.27 -12.60
CA ARG B 233 -19.57 26.17 -12.61
C ARG B 233 -18.54 25.54 -13.58
N TYR B 234 -18.29 24.23 -13.43
CA TYR B 234 -17.35 23.55 -14.30
C TYR B 234 -17.84 23.49 -15.75
N LEU B 235 -19.08 23.09 -15.96
CA LEU B 235 -19.60 23.03 -17.32
C LEU B 235 -19.47 24.39 -18.00
N GLN B 236 -19.74 25.45 -17.24
CA GLN B 236 -19.67 26.80 -17.79
C GLN B 236 -18.23 27.18 -18.15
N GLU B 237 -17.26 26.71 -17.36
CA GLU B 237 -15.85 27.01 -17.61
C GLU B 237 -15.37 26.33 -18.89
N MET B 238 -15.78 25.07 -19.06
CA MET B 238 -15.41 24.32 -20.26
C MET B 238 -15.94 25.00 -21.52
N HIS B 239 -17.14 25.53 -21.42
CA HIS B 239 -17.78 26.19 -22.56
C HIS B 239 -17.04 27.46 -22.88
N GLU B 240 -16.67 28.18 -21.83
CA GLU B 240 -15.99 29.44 -21.99
C GLU B 240 -14.56 29.25 -22.50
N LYS B 241 -13.89 28.20 -22.03
CA LYS B 241 -12.51 27.99 -22.46
C LYS B 241 -12.33 27.22 -23.75
N VAL B 242 -13.33 26.44 -24.15
CA VAL B 242 -13.21 25.67 -25.37
C VAL B 242 -14.27 26.02 -26.44
N PHE B 243 -15.49 25.55 -26.23
CA PHE B 243 -16.58 25.71 -27.19
C PHE B 243 -16.89 27.10 -27.65
N ASP B 244 -16.55 28.06 -26.82
CA ASP B 244 -16.75 29.42 -27.18
C ASP B 244 -15.94 29.73 -28.42
N HIS B 245 -14.87 28.97 -28.63
CA HIS B 245 -13.98 29.22 -29.74
C HIS B 245 -14.12 28.31 -30.95
N TYR B 246 -15.12 27.44 -30.93
CA TYR B 246 -15.33 26.55 -32.05
C TYR B 246 -16.80 26.63 -32.40
N ASP B 247 -17.22 25.91 -33.42
CA ASP B 247 -18.61 25.95 -33.73
C ASP B 247 -19.16 24.53 -33.83
N ALA B 248 -18.79 23.74 -32.83
CA ALA B 248 -19.23 22.36 -32.73
C ALA B 248 -20.45 22.34 -31.84
N VAL B 249 -21.38 21.43 -32.09
CA VAL B 249 -22.56 21.35 -31.24
C VAL B 249 -22.20 20.46 -30.04
N THR B 250 -22.66 20.83 -28.86
CA THR B 250 -22.37 20.01 -27.69
C THR B 250 -23.66 19.33 -27.19
N ALA B 251 -23.52 18.10 -26.69
CA ALA B 251 -24.66 17.37 -26.17
C ALA B 251 -24.21 16.67 -24.89
N GLY B 252 -25.08 16.68 -23.89
CA GLY B 252 -24.76 16.05 -22.63
C GLY B 252 -25.68 14.89 -22.25
N GLU B 253 -25.05 13.81 -21.80
CA GLU B 253 -25.78 12.65 -21.34
C GLU B 253 -25.97 12.91 -19.86
N ILE B 254 -27.18 13.31 -19.51
CA ILE B 254 -27.55 13.61 -18.15
C ILE B 254 -28.10 12.36 -17.49
N PHE B 255 -27.17 11.56 -16.98
CA PHE B 255 -27.47 10.30 -16.32
C PHE B 255 -27.62 10.40 -14.81
N GLY B 256 -28.82 10.06 -14.34
CA GLY B 256 -29.13 10.06 -12.93
C GLY B 256 -29.75 11.32 -12.36
N ALA B 257 -29.78 12.38 -13.14
CA ALA B 257 -30.35 13.65 -12.66
C ALA B 257 -31.86 13.79 -12.84
N PRO B 258 -32.52 14.43 -11.87
CA PRO B 258 -33.98 14.63 -11.96
C PRO B 258 -34.22 15.48 -13.21
N LEU B 259 -35.31 15.22 -13.91
CA LEU B 259 -35.64 15.97 -15.11
C LEU B 259 -35.66 17.48 -14.88
N ASN B 260 -36.14 17.93 -13.72
CA ASN B 260 -36.20 19.38 -13.51
C ASN B 260 -34.86 20.08 -13.51
N GLN B 261 -33.76 19.32 -13.47
CA GLN B 261 -32.42 19.89 -13.47
C GLN B 261 -31.92 20.11 -14.92
N VAL B 262 -32.50 19.39 -15.85
CA VAL B 262 -32.09 19.46 -17.24
C VAL B 262 -31.89 20.84 -17.82
N PRO B 263 -32.83 21.76 -17.59
CA PRO B 263 -32.67 23.12 -18.12
C PRO B 263 -31.33 23.80 -17.79
N LEU B 264 -30.76 23.48 -16.63
CA LEU B 264 -29.50 24.10 -16.24
C LEU B 264 -28.38 23.73 -17.23
N PHE B 265 -28.50 22.55 -17.84
CA PHE B 265 -27.50 22.08 -18.79
C PHE B 265 -27.71 22.56 -20.21
N ILE B 266 -28.97 22.73 -20.63
CA ILE B 266 -29.22 23.09 -22.02
C ILE B 266 -29.79 24.45 -22.41
N ASP B 267 -30.25 25.25 -21.45
CA ASP B 267 -30.78 26.59 -21.77
C ASP B 267 -29.64 27.32 -22.46
N SER B 268 -29.86 27.74 -23.70
CA SER B 268 -28.79 28.39 -24.46
C SER B 268 -28.14 29.59 -23.77
N ARG B 269 -28.93 30.32 -22.98
CA ARG B 269 -28.47 31.51 -22.27
C ARG B 269 -27.46 31.24 -21.16
N ARG B 270 -27.48 30.01 -20.63
CA ARG B 270 -26.56 29.63 -19.57
C ARG B 270 -25.20 29.26 -20.13
N LYS B 271 -25.13 29.11 -21.44
CA LYS B 271 -23.87 28.74 -22.11
C LYS B 271 -23.17 27.51 -21.52
N GLU B 272 -23.89 26.40 -21.49
CA GLU B 272 -23.31 25.16 -21.02
C GLU B 272 -23.37 24.21 -22.21
N LEU B 273 -24.46 23.48 -22.39
CA LEU B 273 -24.57 22.56 -23.51
C LEU B 273 -25.73 22.91 -24.44
N ASP B 274 -25.67 22.39 -25.66
CA ASP B 274 -26.73 22.64 -26.64
C ASP B 274 -27.89 21.65 -26.57
N MET B 275 -27.58 20.36 -26.47
CA MET B 275 -28.61 19.33 -26.47
C MET B 275 -28.57 18.36 -25.31
N ALA B 276 -29.74 17.82 -24.94
CA ALA B 276 -29.84 16.84 -23.85
C ALA B 276 -30.18 15.39 -24.29
N PHE B 277 -29.57 14.45 -23.58
CA PHE B 277 -29.81 13.03 -23.74
C PHE B 277 -30.29 12.69 -22.31
N THR B 278 -31.59 12.42 -22.13
CA THR B 278 -32.06 12.04 -20.81
C THR B 278 -32.44 10.54 -20.84
N PHE B 279 -32.68 9.96 -19.68
CA PHE B 279 -33.01 8.54 -19.58
C PHE B 279 -34.47 8.32 -19.20
N ASP B 280 -35.16 9.40 -18.91
CA ASP B 280 -36.55 9.27 -18.49
C ASP B 280 -37.39 8.39 -19.40
N LEU B 281 -37.32 8.61 -20.71
CA LEU B 281 -38.12 7.80 -21.63
C LEU B 281 -37.61 6.37 -21.83
N ILE B 282 -36.34 6.23 -22.22
CA ILE B 282 -35.82 4.89 -22.48
C ILE B 282 -35.80 3.97 -21.28
N ARG B 283 -35.81 4.53 -20.09
CA ARG B 283 -35.86 3.74 -18.86
C ARG B 283 -37.21 3.95 -18.16
N TYR B 284 -38.23 4.40 -18.88
CA TYR B 284 -39.51 4.63 -18.21
C TYR B 284 -40.13 3.36 -17.61
N ASP B 285 -39.71 2.19 -18.08
CA ASP B 285 -40.23 0.95 -17.55
C ASP B 285 -39.16 0.12 -16.83
N ARG B 286 -38.12 0.80 -16.33
CA ARG B 286 -37.04 0.09 -15.64
C ARG B 286 -37.07 0.29 -14.15
N ALA B 287 -36.80 -0.76 -13.40
CA ALA B 287 -36.77 -0.69 -11.95
C ALA B 287 -35.54 0.07 -11.50
N LEU B 288 -35.56 0.51 -10.24
CA LEU B 288 -34.43 1.23 -9.70
C LEU B 288 -33.16 0.41 -9.77
N ASP B 289 -33.26 -0.91 -9.63
CA ASP B 289 -32.07 -1.77 -9.68
C ASP B 289 -31.51 -1.93 -11.08
N ARG B 290 -32.25 -1.44 -12.06
CA ARG B 290 -31.84 -1.47 -13.46
C ARG B 290 -31.82 -2.82 -14.17
N TRP B 291 -32.26 -3.88 -13.52
CA TRP B 291 -32.28 -5.14 -14.25
C TRP B 291 -33.68 -5.76 -14.26
N HIS B 292 -34.63 -5.14 -13.58
CA HIS B 292 -36.00 -5.62 -13.63
C HIS B 292 -36.78 -4.59 -14.44
N THR B 293 -37.93 -5.02 -14.97
N THR B 293 -37.93 -5.00 -14.94
CA THR B 293 -38.79 -4.16 -15.75
CA THR B 293 -38.77 -4.08 -15.69
C THR B 293 -40.11 -4.01 -15.00
C THR B 293 -40.00 -3.89 -14.84
N ILE B 294 -40.80 -2.90 -15.20
CA ILE B 294 -42.05 -2.61 -14.52
C ILE B 294 -43.06 -2.32 -15.63
N PRO B 295 -44.19 -3.00 -15.62
CA PRO B 295 -45.14 -2.72 -16.71
C PRO B 295 -45.67 -1.28 -16.78
N ARG B 296 -45.72 -0.73 -17.99
CA ARG B 296 -46.25 0.60 -18.24
C ARG B 296 -47.15 0.52 -19.46
N THR B 297 -47.83 1.62 -19.77
CA THR B 297 -48.67 1.68 -20.96
C THR B 297 -48.26 2.87 -21.81
N LEU B 298 -48.93 3.05 -22.93
CA LEU B 298 -48.65 4.17 -23.81
C LEU B 298 -48.88 5.47 -23.02
N ALA B 299 -49.83 5.45 -22.09
CA ALA B 299 -50.08 6.65 -21.31
C ALA B 299 -48.80 7.12 -20.58
N ASP B 300 -48.06 6.19 -19.99
CA ASP B 300 -46.82 6.53 -19.28
C ASP B 300 -45.76 7.01 -20.31
N PHE B 301 -45.75 6.36 -21.46
CA PHE B 301 -44.83 6.65 -22.55
C PHE B 301 -45.01 8.10 -23.04
N ARG B 302 -46.24 8.46 -23.43
CA ARG B 302 -46.50 9.81 -23.90
C ARG B 302 -46.37 10.89 -22.80
N GLN B 303 -46.79 10.57 -21.59
CA GLN B 303 -46.69 11.54 -20.52
C GLN B 303 -45.23 11.88 -20.20
N THR B 304 -44.34 10.89 -20.30
CA THR B 304 -42.91 11.12 -20.04
C THR B 304 -42.38 12.02 -21.15
N ILE B 305 -42.72 11.70 -22.40
CA ILE B 305 -42.28 12.50 -23.54
C ILE B 305 -42.78 13.94 -23.34
N ASP B 306 -43.99 14.06 -22.82
CA ASP B 306 -44.57 15.36 -22.60
C ASP B 306 -43.73 16.16 -21.60
N LYS B 307 -43.38 15.55 -20.48
CA LYS B 307 -42.57 16.23 -19.47
C LYS B 307 -41.19 16.58 -20.02
N VAL B 308 -40.63 15.67 -20.81
CA VAL B 308 -39.31 15.92 -21.36
C VAL B 308 -39.35 17.08 -22.35
N ASP B 309 -40.34 17.07 -23.22
CA ASP B 309 -40.45 18.14 -24.19
C ASP B 309 -40.63 19.48 -23.51
N ALA B 310 -41.40 19.48 -22.42
CA ALA B 310 -41.67 20.69 -21.66
C ALA B 310 -40.43 21.32 -21.04
N ILE B 311 -39.56 20.52 -20.43
CA ILE B 311 -38.38 21.13 -19.81
C ILE B 311 -37.42 21.77 -20.80
N ALA B 312 -37.58 21.51 -22.09
CA ALA B 312 -36.68 22.15 -23.06
C ALA B 312 -36.99 23.65 -23.16
N GLY B 313 -38.20 24.05 -22.76
CA GLY B 313 -38.58 25.45 -22.82
C GLY B 313 -38.31 26.08 -24.18
N GLU B 314 -38.18 27.42 -24.18
CA GLU B 314 -37.91 28.12 -25.42
C GLU B 314 -36.41 28.14 -25.77
N TYR B 315 -35.56 28.06 -24.76
CA TYR B 315 -34.13 28.14 -25.01
C TYR B 315 -33.37 26.82 -25.00
N GLY B 316 -34.06 25.73 -24.68
CA GLY B 316 -33.41 24.44 -24.63
C GLY B 316 -33.71 23.58 -25.85
N TRP B 317 -33.02 22.45 -25.95
CA TRP B 317 -33.24 21.56 -27.06
C TRP B 317 -32.95 20.13 -26.65
N ASN B 318 -33.81 19.20 -27.07
CA ASN B 318 -33.68 17.78 -26.73
C ASN B 318 -33.24 16.91 -27.89
N THR B 319 -32.70 15.74 -27.54
CA THR B 319 -32.36 14.73 -28.55
C THR B 319 -33.54 13.80 -28.35
N PHE B 320 -33.87 13.00 -29.35
CA PHE B 320 -34.93 12.03 -29.19
C PHE B 320 -34.44 10.71 -29.76
N PHE B 321 -34.72 9.63 -29.05
CA PHE B 321 -34.29 8.33 -29.51
C PHE B 321 -35.12 7.26 -28.83
N LEU B 322 -35.22 6.10 -29.47
CA LEU B 322 -35.95 4.99 -28.88
C LEU B 322 -34.95 3.89 -28.60
N GLY B 323 -33.70 4.10 -29.04
CA GLY B 323 -32.67 3.10 -28.80
C GLY B 323 -31.24 3.60 -28.79
N ASN B 324 -30.37 2.82 -28.16
CA ASN B 324 -28.93 3.14 -28.09
C ASN B 324 -28.11 1.93 -27.57
N HIS B 325 -26.83 2.15 -27.37
CA HIS B 325 -25.90 1.11 -26.93
C HIS B 325 -26.09 0.60 -25.48
N ASP B 326 -26.90 1.30 -24.70
CA ASP B 326 -27.12 0.95 -23.31
C ASP B 326 -28.49 0.38 -23.01
N ASN B 327 -29.27 0.08 -24.03
CA ASN B 327 -30.62 -0.43 -23.80
C ASN B 327 -31.09 -1.53 -24.74
N PRO B 328 -32.22 -2.18 -24.40
CA PRO B 328 -32.74 -3.24 -25.28
C PRO B 328 -33.22 -2.64 -26.59
N ARG B 329 -33.36 -3.48 -27.62
CA ARG B 329 -33.79 -3.03 -28.94
C ARG B 329 -35.15 -2.35 -28.96
N ALA B 330 -35.23 -1.20 -29.63
CA ALA B 330 -36.46 -0.43 -29.71
C ALA B 330 -37.73 -1.22 -30.03
N VAL B 331 -37.71 -2.04 -31.08
CA VAL B 331 -38.91 -2.78 -31.43
C VAL B 331 -39.33 -3.77 -30.35
N SER B 332 -38.35 -4.42 -29.71
CA SER B 332 -38.61 -5.38 -28.64
C SER B 332 -39.10 -4.65 -27.39
N HIS B 333 -38.50 -3.49 -27.13
CA HIS B 333 -38.80 -2.69 -25.94
C HIS B 333 -40.13 -1.94 -26.00
N PHE B 334 -40.33 -1.18 -27.06
CA PHE B 334 -41.52 -0.36 -27.24
C PHE B 334 -42.58 -0.91 -28.18
N GLY B 335 -42.21 -1.88 -29.00
CA GLY B 335 -43.17 -2.45 -29.94
C GLY B 335 -43.55 -3.88 -29.63
N ASP B 336 -43.66 -4.70 -30.66
CA ASP B 336 -44.00 -6.12 -30.51
C ASP B 336 -43.09 -6.88 -31.46
N ASP B 337 -42.07 -7.53 -30.95
CA ASP B 337 -41.14 -8.21 -31.85
C ASP B 337 -41.57 -9.59 -32.29
N ARG B 338 -42.79 -9.99 -31.95
CA ARG B 338 -43.27 -11.29 -32.39
C ARG B 338 -43.25 -11.28 -33.90
N PRO B 339 -42.96 -12.43 -34.52
CA PRO B 339 -42.91 -12.56 -35.98
C PRO B 339 -44.02 -11.87 -36.79
N GLN B 340 -45.26 -12.01 -36.38
CA GLN B 340 -46.34 -11.39 -37.12
C GLN B 340 -46.49 -9.88 -36.88
N TRP B 341 -45.84 -9.34 -35.85
CA TRP B 341 -45.97 -7.92 -35.58
C TRP B 341 -44.71 -7.05 -35.67
N ARG B 342 -43.54 -7.67 -35.77
CA ARG B 342 -42.27 -6.94 -35.81
C ARG B 342 -42.18 -5.76 -36.80
N GLU B 343 -42.45 -6.02 -38.08
CA GLU B 343 -42.36 -4.97 -39.08
C GLU B 343 -43.33 -3.82 -38.87
N ALA B 344 -44.61 -4.15 -38.69
CA ALA B 344 -45.62 -3.12 -38.51
C ALA B 344 -45.28 -2.25 -37.30
N SER B 345 -44.94 -2.88 -36.17
CA SER B 345 -44.63 -2.09 -34.98
C SER B 345 -43.30 -1.34 -35.16
N ALA B 346 -42.35 -1.93 -35.87
CA ALA B 346 -41.09 -1.26 -36.11
C ALA B 346 -41.36 0.02 -36.91
N LYS B 347 -42.26 -0.09 -37.89
CA LYS B 347 -42.60 1.07 -38.71
C LYS B 347 -43.27 2.15 -37.87
N ALA B 348 -44.25 1.75 -37.07
CA ALA B 348 -44.94 2.71 -36.23
C ALA B 348 -43.94 3.46 -35.34
N LEU B 349 -42.96 2.76 -34.79
CA LEU B 349 -41.99 3.41 -33.94
C LEU B 349 -41.10 4.39 -34.73
N ALA B 350 -40.90 4.12 -36.02
CA ALA B 350 -40.09 5.02 -36.83
C ALA B 350 -40.88 6.29 -37.00
N THR B 351 -42.19 6.16 -37.23
CA THR B 351 -43.02 7.33 -37.42
C THR B 351 -42.92 8.24 -36.19
N VAL B 352 -42.97 7.64 -35.01
CA VAL B 352 -42.86 8.41 -33.79
C VAL B 352 -41.48 9.11 -33.74
N THR B 353 -40.42 8.32 -33.82
CA THR B 353 -39.06 8.85 -33.75
C THR B 353 -38.81 10.07 -34.65
N LEU B 354 -39.23 9.98 -35.90
N LEU B 354 -39.22 9.98 -35.91
CA LEU B 354 -39.00 11.03 -36.86
CA LEU B 354 -38.99 11.06 -36.86
C LEU B 354 -39.98 12.19 -36.90
C LEU B 354 -39.97 12.22 -36.86
N THR B 355 -40.98 12.15 -36.00
CA THR B 355 -41.95 13.25 -35.94
C THR B 355 -41.92 13.90 -34.55
N GLN B 356 -40.93 13.53 -33.74
CA GLN B 356 -40.81 14.11 -32.40
C GLN B 356 -40.12 15.48 -32.42
N ARG B 357 -40.44 16.34 -31.45
CA ARG B 357 -39.78 17.64 -31.42
C ARG B 357 -38.41 17.45 -30.77
N GLY B 358 -37.36 17.77 -31.51
CA GLY B 358 -36.03 17.59 -30.99
C GLY B 358 -35.18 16.97 -32.08
N THR B 359 -33.92 16.64 -31.79
CA THR B 359 -33.06 16.05 -32.78
C THR B 359 -33.06 14.53 -32.67
N PRO B 360 -33.62 13.84 -33.69
CA PRO B 360 -33.67 12.37 -33.66
C PRO B 360 -32.36 11.60 -33.90
N PHE B 361 -32.16 10.57 -33.09
CA PHE B 361 -31.00 9.70 -33.17
C PHE B 361 -31.52 8.29 -33.42
N ILE B 362 -31.08 7.70 -34.53
CA ILE B 362 -31.45 6.35 -34.95
C ILE B 362 -30.25 5.44 -34.66
N PHE B 363 -30.46 4.43 -33.83
CA PHE B 363 -29.38 3.51 -33.46
C PHE B 363 -29.19 2.45 -34.54
N GLN B 364 -27.95 2.22 -34.96
CA GLN B 364 -27.68 1.23 -36.00
C GLN B 364 -28.50 -0.05 -35.86
N GLY B 365 -29.16 -0.43 -36.95
CA GLY B 365 -29.94 -1.64 -36.93
C GLY B 365 -31.43 -1.46 -36.71
N ASP B 366 -31.81 -0.37 -36.06
CA ASP B 366 -33.23 -0.18 -35.83
C ASP B 366 -34.00 0.15 -37.10
N GLU B 367 -33.29 0.57 -38.14
CA GLU B 367 -33.94 0.89 -39.40
C GLU B 367 -34.24 -0.42 -40.11
N LEU B 368 -33.71 -1.52 -39.57
CA LEU B 368 -33.93 -2.85 -40.15
C LEU B 368 -34.95 -3.65 -39.36
N GLY B 369 -35.28 -3.16 -38.16
CA GLY B 369 -36.22 -3.85 -37.29
C GLY B 369 -35.51 -4.94 -36.47
N MET B 370 -34.23 -4.74 -36.14
CA MET B 370 -33.49 -5.72 -35.34
C MET B 370 -34.12 -5.81 -33.95
N THR B 371 -34.02 -6.99 -33.34
CA THR B 371 -34.62 -7.26 -32.03
C THR B 371 -33.63 -7.69 -30.95
N ASN B 372 -34.18 -7.95 -29.77
CA ASN B 372 -33.39 -8.41 -28.64
C ASN B 372 -32.78 -9.74 -29.06
N TYR B 373 -31.74 -10.16 -28.35
CA TYR B 373 -31.07 -11.39 -28.64
C TYR B 373 -31.57 -12.49 -27.70
N PRO B 374 -31.65 -13.73 -28.19
CA PRO B 374 -32.12 -14.85 -27.36
C PRO B 374 -31.04 -15.45 -26.44
N PHE B 375 -30.69 -14.72 -25.39
CA PHE B 375 -29.68 -15.18 -24.44
C PHE B 375 -30.15 -16.48 -23.78
N LYS B 376 -29.25 -17.44 -23.62
CA LYS B 376 -29.60 -18.71 -22.99
C LYS B 376 -28.92 -18.92 -21.63
N THR B 377 -27.75 -18.32 -21.44
CA THR B 377 -27.03 -18.44 -20.19
C THR B 377 -26.37 -17.11 -19.87
N LEU B 378 -25.98 -16.97 -18.61
CA LEU B 378 -25.32 -15.75 -18.14
C LEU B 378 -24.03 -15.57 -18.94
N GLN B 379 -23.49 -16.68 -19.43
CA GLN B 379 -22.26 -16.62 -20.21
C GLN B 379 -22.41 -16.01 -21.61
N ASP B 380 -23.64 -15.83 -22.08
CA ASP B 380 -23.86 -15.22 -23.39
C ASP B 380 -23.76 -13.70 -23.34
N PHE B 381 -23.66 -13.15 -22.13
CA PHE B 381 -23.52 -11.71 -21.97
C PHE B 381 -22.05 -11.36 -21.84
N ASP B 382 -21.63 -10.34 -22.57
CA ASP B 382 -20.25 -9.89 -22.48
C ASP B 382 -20.17 -8.76 -21.47
N ASP B 383 -21.29 -8.05 -21.34
CA ASP B 383 -21.41 -6.85 -20.53
C ASP B 383 -20.95 -6.87 -19.07
N ILE B 384 -19.98 -6.01 -18.77
CA ILE B 384 -19.46 -5.90 -17.42
C ILE B 384 -20.57 -5.60 -16.41
N GLU B 385 -21.60 -4.88 -16.84
CA GLU B 385 -22.71 -4.55 -15.96
C GLU B 385 -23.47 -5.80 -15.47
N VAL B 386 -23.53 -6.84 -16.30
CA VAL B 386 -24.23 -8.05 -15.87
C VAL B 386 -23.42 -8.75 -14.77
N LYS B 387 -22.09 -8.79 -14.92
CA LYS B 387 -21.22 -9.38 -13.90
C LYS B 387 -21.46 -8.60 -12.59
N GLY B 388 -21.63 -7.29 -12.72
CA GLY B 388 -21.91 -6.45 -11.55
C GLY B 388 -23.20 -6.87 -10.86
N PHE B 389 -24.22 -7.20 -11.64
CA PHE B 389 -25.51 -7.64 -11.07
C PHE B 389 -25.33 -8.99 -10.38
N PHE B 390 -24.54 -9.86 -11.01
CA PHE B 390 -24.28 -11.17 -10.42
C PHE B 390 -23.63 -10.93 -9.05
N GLN B 391 -22.62 -10.07 -9.05
CA GLN B 391 -21.91 -9.74 -7.84
C GLN B 391 -22.82 -9.15 -6.79
N ASP B 392 -23.66 -8.21 -7.20
CA ASP B 392 -24.49 -7.56 -6.21
C ASP B 392 -25.73 -8.27 -5.78
N TYR B 393 -26.28 -9.11 -6.65
CA TYR B 393 -27.52 -9.78 -6.31
C TYR B 393 -27.52 -11.29 -6.19
N VAL B 394 -26.66 -11.97 -6.93
CA VAL B 394 -26.64 -13.41 -6.86
C VAL B 394 -25.71 -13.93 -5.76
N GLU B 395 -24.49 -13.39 -5.70
CA GLU B 395 -23.50 -13.79 -4.70
C GLU B 395 -23.95 -13.39 -3.30
N THR B 396 -24.78 -12.36 -3.20
CA THR B 396 -25.26 -11.90 -1.91
C THR B 396 -26.53 -12.69 -1.55
N GLY B 397 -26.96 -13.53 -2.47
CA GLY B 397 -28.13 -14.35 -2.27
C GLY B 397 -29.47 -13.67 -2.42
N LYS B 398 -29.50 -12.47 -2.97
CA LYS B 398 -30.77 -11.78 -3.12
C LYS B 398 -31.58 -12.36 -4.26
N ALA B 399 -30.91 -13.03 -5.18
CA ALA B 399 -31.63 -13.59 -6.31
C ALA B 399 -30.83 -14.75 -6.84
N THR B 400 -31.48 -15.62 -7.61
CA THR B 400 -30.78 -16.78 -8.15
C THR B 400 -30.21 -16.40 -9.50
N ALA B 401 -29.27 -17.21 -10.00
CA ALA B 401 -28.69 -16.92 -11.29
C ALA B 401 -29.83 -16.93 -12.32
N GLU B 402 -30.71 -17.92 -12.22
CA GLU B 402 -31.84 -18.06 -13.14
C GLU B 402 -32.70 -16.78 -13.15
N GLU B 403 -32.98 -16.24 -11.96
CA GLU B 403 -33.77 -15.01 -11.89
C GLU B 403 -33.06 -13.85 -12.61
N LEU B 404 -31.75 -13.71 -12.40
CA LEU B 404 -30.99 -12.64 -13.05
C LEU B 404 -31.06 -12.76 -14.57
N LEU B 405 -30.91 -14.00 -15.08
CA LEU B 405 -30.93 -14.29 -16.51
C LEU B 405 -32.28 -13.94 -17.13
N THR B 406 -33.35 -14.42 -16.51
CA THR B 406 -34.71 -14.19 -16.97
C THR B 406 -35.02 -12.71 -17.11
N ASN B 407 -34.58 -11.94 -16.13
CA ASN B 407 -34.85 -10.52 -16.10
C ASN B 407 -33.90 -9.67 -16.91
N VAL B 408 -32.60 -9.90 -16.77
CA VAL B 408 -31.67 -9.10 -17.53
C VAL B 408 -31.69 -9.40 -19.04
N ALA B 409 -32.23 -10.55 -19.45
CA ALA B 409 -32.29 -10.87 -20.88
C ALA B 409 -33.10 -9.79 -21.61
N LEU B 410 -34.02 -9.17 -20.88
CA LEU B 410 -34.88 -8.15 -21.41
C LEU B 410 -34.44 -6.68 -21.22
N THR B 411 -33.41 -6.46 -20.42
CA THR B 411 -32.92 -5.11 -20.13
C THR B 411 -31.44 -4.88 -20.50
N SER B 412 -30.70 -5.95 -20.71
CA SER B 412 -29.29 -5.86 -21.00
C SER B 412 -28.85 -5.05 -22.22
N ARG B 413 -27.82 -4.24 -21.98
CA ARG B 413 -27.24 -3.40 -23.02
C ARG B 413 -26.73 -4.30 -24.16
N ASP B 414 -26.43 -5.56 -23.85
CA ASP B 414 -25.93 -6.44 -24.91
C ASP B 414 -26.95 -6.71 -26.01
N ASN B 415 -28.23 -6.52 -25.73
CA ASN B 415 -29.25 -6.74 -26.77
C ASN B 415 -28.99 -5.81 -27.98
N ALA B 416 -28.38 -4.65 -27.71
CA ALA B 416 -28.12 -3.65 -28.74
C ALA B 416 -26.73 -3.74 -29.33
N ARG B 417 -25.92 -4.65 -28.80
CA ARG B 417 -24.55 -4.77 -29.26
C ARG B 417 -24.25 -5.95 -30.16
N THR B 418 -25.26 -6.76 -30.48
CA THR B 418 -25.01 -7.90 -31.37
C THR B 418 -24.76 -7.27 -32.75
N PRO B 419 -23.85 -7.87 -33.53
CA PRO B 419 -23.46 -7.41 -34.88
C PRO B 419 -24.60 -6.94 -35.79
N PHE B 420 -24.37 -5.82 -36.47
CA PHE B 420 -25.33 -5.26 -37.41
C PHE B 420 -25.51 -6.29 -38.53
N GLN B 421 -26.75 -6.51 -38.93
CA GLN B 421 -27.07 -7.52 -39.94
C GLN B 421 -27.12 -6.96 -41.36
N TRP B 422 -25.99 -7.09 -42.05
CA TRP B 422 -25.83 -6.59 -43.41
C TRP B 422 -26.54 -7.42 -44.48
N ASP B 423 -26.41 -8.74 -44.38
CA ASP B 423 -27.05 -9.63 -45.36
C ASP B 423 -27.27 -11.01 -44.75
N ASP B 424 -27.42 -12.03 -45.59
CA ASP B 424 -27.64 -13.39 -45.06
C ASP B 424 -26.46 -14.33 -45.26
N SER B 425 -25.28 -13.77 -45.44
CA SER B 425 -24.09 -14.61 -45.56
C SER B 425 -23.65 -14.90 -44.13
N ALA B 426 -22.59 -15.67 -43.96
CA ALA B 426 -22.11 -16.04 -42.63
C ALA B 426 -21.94 -14.84 -41.70
N ASN B 427 -22.50 -14.96 -40.49
CA ASN B 427 -22.43 -13.91 -39.48
C ASN B 427 -22.97 -12.58 -40.05
N ALA B 428 -24.02 -12.72 -40.85
CA ALA B 428 -24.73 -11.61 -41.47
C ALA B 428 -23.86 -10.61 -42.20
N GLY B 429 -22.72 -11.04 -42.71
CA GLY B 429 -21.86 -10.13 -43.45
C GLY B 429 -21.16 -9.10 -42.59
N PHE B 430 -21.23 -9.25 -41.27
CA PHE B 430 -20.57 -8.34 -40.36
C PHE B 430 -19.06 -8.58 -40.32
N THR B 431 -18.68 -9.84 -40.36
CA THR B 431 -17.28 -10.26 -40.26
C THR B 431 -17.03 -11.54 -41.04
N THR B 432 -15.76 -11.76 -41.41
CA THR B 432 -15.38 -12.98 -42.11
C THR B 432 -14.81 -13.92 -41.05
N GLY B 433 -14.68 -13.44 -39.81
CA GLY B 433 -14.16 -14.27 -38.75
C GLY B 433 -15.24 -14.63 -37.73
N LYS B 434 -14.86 -14.63 -36.46
CA LYS B 434 -15.77 -14.97 -35.39
C LYS B 434 -16.14 -13.69 -34.65
N PRO B 435 -17.39 -13.24 -34.76
CA PRO B 435 -17.86 -12.02 -34.10
C PRO B 435 -17.56 -12.02 -32.61
N TRP B 436 -17.29 -10.86 -32.05
CA TRP B 436 -16.97 -10.74 -30.63
C TRP B 436 -18.18 -11.09 -29.77
N LEU B 437 -19.37 -10.91 -30.34
CA LEU B 437 -20.63 -11.23 -29.67
C LEU B 437 -21.47 -11.91 -30.76
N LYS B 438 -22.07 -13.07 -30.46
CA LYS B 438 -22.86 -13.82 -31.44
C LYS B 438 -23.91 -13.01 -32.19
N VAL B 439 -24.08 -13.33 -33.48
CA VAL B 439 -25.06 -12.65 -34.30
C VAL B 439 -26.42 -13.26 -33.99
N ASN B 440 -27.46 -12.45 -34.03
CA ASN B 440 -28.80 -12.93 -33.79
C ASN B 440 -29.17 -13.83 -34.95
N PRO B 441 -29.72 -15.03 -34.67
CA PRO B 441 -30.11 -15.99 -35.72
C PRO B 441 -31.14 -15.43 -36.71
N ASN B 442 -31.95 -14.47 -36.28
CA ASN B 442 -32.95 -13.94 -37.19
C ASN B 442 -32.34 -13.10 -38.32
N TYR B 443 -31.02 -13.09 -38.44
CA TYR B 443 -30.41 -12.28 -39.50
C TYR B 443 -30.80 -12.85 -40.86
N THR B 444 -31.10 -14.15 -40.93
CA THR B 444 -31.51 -14.76 -42.19
C THR B 444 -32.73 -14.04 -42.75
N GLU B 445 -33.57 -13.51 -41.84
CA GLU B 445 -34.79 -12.78 -42.24
C GLU B 445 -34.62 -11.26 -42.15
N ILE B 446 -33.88 -10.81 -41.15
CA ILE B 446 -33.68 -9.39 -40.91
C ILE B 446 -32.27 -8.95 -41.28
N ASN B 447 -32.10 -8.38 -42.48
CA ASN B 447 -30.78 -7.87 -42.91
C ASN B 447 -30.94 -6.74 -43.94
N ALA B 448 -29.91 -5.90 -44.05
CA ALA B 448 -29.94 -4.75 -44.95
C ALA B 448 -30.14 -5.08 -46.43
N ALA B 449 -29.40 -6.04 -46.94
CA ALA B 449 -29.49 -6.40 -48.35
C ALA B 449 -30.91 -6.76 -48.74
N ARG B 450 -31.58 -7.50 -47.87
CA ARG B 450 -32.95 -7.94 -48.11
C ARG B 450 -33.97 -6.81 -48.09
N GLU B 451 -33.75 -5.80 -47.26
CA GLU B 451 -34.71 -4.71 -47.15
C GLU B 451 -34.48 -3.52 -48.09
N ILE B 452 -33.24 -3.29 -48.44
CA ILE B 452 -32.88 -2.16 -49.30
C ILE B 452 -33.58 -2.07 -50.66
N GLY B 453 -33.76 -3.19 -51.35
CA GLY B 453 -34.44 -3.12 -52.62
C GLY B 453 -35.95 -3.33 -52.51
N ASP B 454 -36.42 -3.52 -51.27
CA ASP B 454 -37.83 -3.76 -51.04
C ASP B 454 -38.53 -2.50 -50.59
N PRO B 455 -39.35 -1.91 -51.47
CA PRO B 455 -40.09 -0.69 -51.15
C PRO B 455 -41.01 -0.80 -49.94
N LYS B 456 -41.38 -2.01 -49.56
CA LYS B 456 -42.26 -2.19 -48.41
C LYS B 456 -41.54 -2.53 -47.09
N SER B 457 -40.21 -2.53 -47.09
CA SER B 457 -39.42 -2.86 -45.90
C SER B 457 -39.36 -1.77 -44.80
N VAL B 458 -38.87 -2.16 -43.63
CA VAL B 458 -38.73 -1.23 -42.52
C VAL B 458 -37.70 -0.18 -42.92
N TYR B 459 -36.64 -0.62 -43.60
CA TYR B 459 -35.61 0.29 -44.07
C TYR B 459 -36.19 1.37 -44.98
N SER B 460 -36.98 0.96 -45.96
CA SER B 460 -37.56 1.89 -46.89
C SER B 460 -38.48 2.86 -46.21
N PHE B 461 -39.22 2.37 -45.22
CA PHE B 461 -40.14 3.23 -44.50
C PHE B 461 -39.36 4.33 -43.75
N TYR B 462 -38.28 3.95 -43.04
CA TYR B 462 -37.43 4.91 -42.32
C TYR B 462 -36.92 5.94 -43.31
N ARG B 463 -36.43 5.46 -44.45
CA ARG B 463 -35.92 6.34 -45.47
C ARG B 463 -36.94 7.37 -45.93
N ASN B 464 -38.15 6.91 -46.22
CA ASN B 464 -39.24 7.81 -46.64
C ASN B 464 -39.60 8.79 -45.52
N LEU B 465 -39.56 8.33 -44.28
CA LEU B 465 -39.88 9.21 -43.14
C LEU B 465 -38.83 10.33 -43.03
N ILE B 466 -37.56 9.94 -43.09
CA ILE B 466 -36.46 10.89 -43.00
C ILE B 466 -36.63 11.93 -44.12
N SER B 467 -36.89 11.43 -45.32
CA SER B 467 -37.07 12.29 -46.49
C SER B 467 -38.14 13.32 -46.17
N ILE B 468 -39.26 12.82 -45.66
CA ILE B 468 -40.39 13.66 -45.29
C ILE B 468 -40.06 14.67 -44.20
N ARG B 469 -39.36 14.23 -43.16
CA ARG B 469 -39.01 15.15 -42.08
C ARG B 469 -38.16 16.28 -42.66
N HIS B 470 -37.18 15.93 -43.48
CA HIS B 470 -36.31 16.92 -44.07
C HIS B 470 -37.07 18.00 -44.86
N GLU B 471 -38.17 17.60 -45.51
CA GLU B 471 -38.98 18.54 -46.32
C GLU B 471 -40.05 19.31 -45.56
N THR B 472 -40.25 18.97 -44.28
CA THR B 472 -41.30 19.61 -43.50
C THR B 472 -40.76 20.25 -42.24
N PRO B 473 -40.48 21.55 -42.30
CA PRO B 473 -39.95 22.33 -41.17
C PRO B 473 -40.67 22.07 -39.83
N ALA B 474 -42.00 22.08 -39.85
CA ALA B 474 -42.74 21.88 -38.61
C ALA B 474 -42.43 20.58 -37.92
N LEU B 475 -41.96 19.58 -38.67
CA LEU B 475 -41.65 18.29 -38.10
C LEU B 475 -40.36 18.23 -37.30
N SER B 476 -39.45 19.17 -37.53
CA SER B 476 -38.22 19.19 -36.75
C SER B 476 -38.29 20.28 -35.66
N THR B 477 -38.49 21.52 -36.08
CA THR B 477 -38.51 22.64 -35.17
C THR B 477 -39.87 23.20 -34.74
N GLY B 478 -40.95 22.59 -35.23
CA GLY B 478 -42.27 23.08 -34.88
C GLY B 478 -42.62 22.76 -33.44
N SER B 479 -43.70 23.38 -32.97
CA SER B 479 -44.17 23.14 -31.62
C SER B 479 -44.75 21.73 -31.57
N TYR B 480 -44.99 21.21 -30.37
CA TYR B 480 -45.55 19.88 -30.19
C TYR B 480 -46.67 19.89 -29.17
N ARG B 481 -47.75 19.20 -29.46
CA ARG B 481 -48.83 19.12 -28.51
C ARG B 481 -49.39 17.70 -28.49
N ASP B 482 -49.52 17.14 -27.30
CA ASP B 482 -50.07 15.82 -27.16
C ASP B 482 -51.59 16.03 -27.07
N ILE B 483 -52.34 15.41 -27.97
CA ILE B 483 -53.80 15.57 -27.99
C ILE B 483 -54.54 14.96 -26.80
N ASP B 484 -54.02 13.87 -26.26
CA ASP B 484 -54.67 13.19 -25.14
C ASP B 484 -53.71 12.36 -24.29
N PRO B 485 -53.02 13.02 -23.35
CA PRO B 485 -52.05 12.42 -22.42
C PRO B 485 -52.55 11.18 -21.68
N SER B 486 -53.86 10.97 -21.59
CA SER B 486 -54.31 9.81 -20.86
C SER B 486 -54.65 8.60 -21.72
N ASN B 487 -54.68 8.77 -23.04
CA ASN B 487 -55.02 7.66 -23.94
C ASN B 487 -53.90 6.60 -24.02
N ALA B 488 -54.23 5.37 -23.65
CA ALA B 488 -53.27 4.29 -23.63
C ALA B 488 -53.30 3.39 -24.85
N ASP B 489 -54.03 3.79 -25.89
CA ASP B 489 -54.17 2.99 -27.11
C ASP B 489 -53.56 3.63 -28.36
N VAL B 490 -53.95 4.87 -28.62
CA VAL B 490 -53.50 5.59 -29.79
C VAL B 490 -52.76 6.84 -29.40
N TYR B 491 -51.53 6.97 -29.87
CA TYR B 491 -50.71 8.15 -29.58
C TYR B 491 -50.98 9.12 -30.73
N ALA B 492 -51.53 10.29 -30.41
CA ALA B 492 -51.81 11.28 -31.44
C ALA B 492 -51.34 12.63 -30.98
N TYR B 493 -50.67 13.36 -31.87
CA TYR B 493 -50.17 14.69 -31.52
C TYR B 493 -49.97 15.52 -32.77
N THR B 494 -49.80 16.82 -32.56
CA THR B 494 -49.55 17.75 -33.67
C THR B 494 -48.19 18.43 -33.54
N ARG B 495 -47.68 18.88 -34.68
CA ARG B 495 -46.43 19.61 -34.77
C ARG B 495 -46.86 20.79 -35.64
N SER B 496 -46.54 22.00 -35.24
CA SER B 496 -46.97 23.13 -36.03
C SER B 496 -45.96 24.27 -36.12
N GLN B 497 -45.93 24.92 -37.28
CA GLN B 497 -45.01 26.03 -37.45
C GLN B 497 -45.40 26.96 -38.60
N ASP B 498 -45.47 28.25 -38.30
CA ASP B 498 -45.83 29.25 -39.28
C ASP B 498 -47.15 28.94 -39.95
N GLY B 499 -48.18 28.68 -39.15
CA GLY B 499 -49.50 28.40 -39.70
C GLY B 499 -49.76 26.98 -40.22
N GLU B 500 -48.72 26.22 -40.50
CA GLU B 500 -48.88 24.86 -41.00
C GLU B 500 -48.96 23.89 -39.81
N THR B 501 -49.95 23.02 -39.80
CA THR B 501 -50.04 22.04 -38.71
C THR B 501 -50.11 20.62 -39.26
N TYR B 502 -49.42 19.72 -38.58
CA TYR B 502 -49.39 18.31 -38.95
C TYR B 502 -49.89 17.49 -37.78
N LEU B 503 -50.52 16.37 -38.12
CA LEU B 503 -51.07 15.45 -37.14
C LEU B 503 -50.42 14.08 -37.31
N VAL B 504 -50.01 13.50 -36.19
CA VAL B 504 -49.41 12.19 -36.23
C VAL B 504 -50.32 11.28 -35.43
N VAL B 505 -50.68 10.13 -35.99
CA VAL B 505 -51.54 9.19 -35.31
C VAL B 505 -50.92 7.81 -35.42
N VAL B 506 -50.65 7.22 -34.25
CA VAL B 506 -50.02 5.92 -34.16
C VAL B 506 -50.78 4.97 -33.25
N ASN B 507 -51.23 3.84 -33.80
CA ASN B 507 -51.96 2.84 -33.01
C ASN B 507 -50.95 1.93 -32.31
N PHE B 508 -50.96 1.93 -30.98
CA PHE B 508 -50.02 1.09 -30.26
C PHE B 508 -50.60 -0.27 -29.90
N LYS B 509 -51.80 -0.56 -30.36
CA LYS B 509 -52.41 -1.85 -30.05
C LYS B 509 -52.41 -2.77 -31.27
N ALA B 510 -52.32 -4.08 -31.02
CA ALA B 510 -52.32 -5.08 -32.09
C ALA B 510 -53.77 -5.39 -32.49
N GLU B 511 -54.63 -4.37 -32.41
CA GLU B 511 -56.05 -4.50 -32.75
C GLU B 511 -56.56 -3.22 -33.37
N PRO B 512 -57.66 -3.31 -34.12
CA PRO B 512 -58.17 -2.08 -34.73
C PRO B 512 -58.65 -1.09 -33.69
N ARG B 513 -58.44 0.19 -33.97
CA ARG B 513 -58.85 1.25 -33.07
C ARG B 513 -59.37 2.44 -33.86
N SER B 514 -60.04 3.35 -33.18
CA SER B 514 -60.58 4.53 -33.86
C SER B 514 -59.99 5.77 -33.22
N PHE B 515 -59.85 6.83 -34.02
CA PHE B 515 -59.35 8.10 -33.51
C PHE B 515 -60.19 9.25 -34.05
N THR B 516 -60.68 10.09 -33.16
CA THR B 516 -61.48 11.23 -33.55
C THR B 516 -60.60 12.48 -33.38
N LEU B 517 -60.45 13.26 -34.44
CA LEU B 517 -59.65 14.47 -34.37
C LEU B 517 -60.29 15.51 -33.49
N PRO B 518 -59.47 16.41 -32.95
CA PRO B 518 -59.92 17.51 -32.07
C PRO B 518 -61.01 18.32 -32.80
N ASP B 519 -61.96 18.86 -32.04
CA ASP B 519 -63.04 19.64 -32.66
C ASP B 519 -62.48 20.67 -33.63
N GLY B 520 -63.11 20.79 -34.79
CA GLY B 520 -62.69 21.76 -35.77
C GLY B 520 -61.48 21.36 -36.59
N MET B 521 -60.90 20.21 -36.30
CA MET B 521 -59.72 19.77 -37.04
C MET B 521 -60.09 18.76 -38.10
N HIS B 522 -59.56 18.96 -39.30
CA HIS B 522 -59.85 18.06 -40.42
C HIS B 522 -58.62 17.67 -41.22
N ILE B 523 -58.62 16.42 -41.72
CA ILE B 523 -57.51 15.91 -42.53
C ILE B 523 -57.48 16.68 -43.83
N ALA B 524 -56.29 17.15 -44.23
CA ALA B 524 -56.14 17.88 -45.48
C ALA B 524 -55.43 16.99 -46.50
N GLU B 525 -54.32 16.38 -46.08
CA GLU B 525 -53.57 15.48 -46.95
C GLU B 525 -52.89 14.38 -46.13
N THR B 526 -52.61 13.26 -46.78
CA THR B 526 -51.95 12.17 -46.09
C THR B 526 -50.52 12.16 -46.63
N LEU B 527 -49.55 12.33 -45.74
CA LEU B 527 -48.17 12.33 -46.18
C LEU B 527 -47.66 10.91 -46.25
N ILE B 528 -48.02 10.09 -45.27
CA ILE B 528 -47.56 8.72 -45.27
C ILE B 528 -48.28 7.91 -44.22
N GLU B 529 -48.37 6.60 -44.46
CA GLU B 529 -48.98 5.66 -43.52
C GLU B 529 -48.27 4.32 -43.58
N SER B 530 -48.43 3.55 -42.51
CA SER B 530 -47.88 2.21 -42.43
C SER B 530 -49.01 1.31 -41.94
N SER B 531 -49.10 0.12 -42.50
CA SER B 531 -50.13 -0.85 -42.15
C SER B 531 -51.55 -0.33 -42.39
N SER B 532 -51.72 0.51 -43.39
CA SER B 532 -53.03 1.05 -43.70
C SER B 532 -53.47 0.62 -45.09
N PRO B 533 -54.71 0.17 -45.21
CA PRO B 533 -55.22 -0.26 -46.52
C PRO B 533 -55.71 0.93 -47.35
N ALA B 534 -55.93 2.07 -46.70
CA ALA B 534 -56.37 3.25 -47.43
C ALA B 534 -56.24 4.52 -46.60
N ALA B 535 -55.85 5.60 -47.26
CA ALA B 535 -55.69 6.88 -46.60
C ALA B 535 -57.05 7.49 -46.31
N PRO B 536 -57.14 8.32 -45.27
CA PRO B 536 -58.45 8.90 -45.01
C PRO B 536 -58.80 9.80 -46.19
N ALA B 537 -60.07 10.18 -46.32
CA ALA B 537 -60.44 11.06 -47.42
C ALA B 537 -60.27 12.51 -46.98
N ALA B 538 -59.92 13.38 -47.93
CA ALA B 538 -59.76 14.78 -47.63
C ALA B 538 -61.00 15.24 -46.88
N GLY B 539 -60.79 16.00 -45.80
CA GLY B 539 -61.89 16.49 -44.98
C GLY B 539 -62.25 15.59 -43.81
N ALA B 540 -61.72 14.36 -43.80
CA ALA B 540 -62.04 13.44 -42.70
C ALA B 540 -61.88 14.07 -41.33
N ALA B 541 -62.74 13.68 -40.39
CA ALA B 541 -62.66 14.20 -39.04
C ALA B 541 -62.46 13.01 -38.10
N SER B 542 -62.13 11.85 -38.67
CA SER B 542 -61.95 10.66 -37.88
C SER B 542 -61.04 9.70 -38.61
N LEU B 543 -60.53 8.70 -37.90
CA LEU B 543 -59.65 7.70 -38.50
C LEU B 543 -59.95 6.31 -37.98
N GLU B 544 -59.86 5.35 -38.88
CA GLU B 544 -60.04 3.97 -38.50
C GLU B 544 -58.63 3.45 -38.61
N LEU B 545 -58.10 2.89 -37.53
CA LEU B 545 -56.74 2.42 -37.58
C LEU B 545 -56.62 0.92 -37.58
N GLN B 546 -55.69 0.40 -38.37
CA GLN B 546 -55.43 -1.03 -38.38
C GLN B 546 -54.52 -1.28 -37.17
N PRO B 547 -54.29 -2.56 -36.81
CA PRO B 547 -53.39 -2.79 -35.67
C PRO B 547 -52.01 -2.19 -36.02
N TRP B 548 -51.42 -1.49 -35.07
CA TRP B 548 -50.10 -0.84 -35.23
C TRP B 548 -49.95 0.09 -36.42
N GLN B 549 -51.07 0.63 -36.89
CA GLN B 549 -51.03 1.58 -38.00
C GLN B 549 -50.44 2.92 -37.55
N SER B 550 -49.72 3.57 -38.45
CA SER B 550 -49.16 4.87 -38.13
C SER B 550 -49.36 5.76 -39.36
N GLY B 551 -49.40 7.08 -39.13
CA GLY B 551 -49.57 8.01 -40.23
C GLY B 551 -49.22 9.45 -39.88
N ILE B 552 -48.93 10.23 -40.92
CA ILE B 552 -48.61 11.63 -40.74
C ILE B 552 -49.57 12.37 -41.64
N TYR B 553 -50.23 13.38 -41.11
CA TYR B 553 -51.21 14.09 -41.92
C TYR B 553 -51.11 15.60 -41.84
N LYS B 554 -51.37 16.27 -42.95
CA LYS B 554 -51.39 17.73 -42.92
C LYS B 554 -52.86 17.98 -42.66
N VAL B 555 -53.14 18.83 -41.69
CA VAL B 555 -54.53 19.12 -41.34
C VAL B 555 -54.93 20.55 -41.66
N LYS B 556 -56.22 20.80 -41.54
CA LYS B 556 -56.79 22.11 -41.79
C LYS B 556 -57.88 22.35 -40.75
#